data_6ZVZ
#
_entry.id   6ZVZ
#
_cell.length_a   76.162
_cell.length_b   190.221
_cell.length_c   111.863
_cell.angle_alpha   90.000
_cell.angle_beta   107.430
_cell.angle_gamma   90.000
#
_symmetry.space_group_name_H-M   'C 1 2 1'
#
loop_
_entity.id
_entity.type
_entity.pdbx_description
1 polymer 'Connectase MJ0548'
2 water water
#
_entity_poly.entity_id   1
_entity_poly.type   'polypeptide(L)'
_entity_poly.pdbx_seq_one_letter_code
;GSMSLIICYYGKNGAVIGGDRRQIFFRGSEENRKILEEKLYSGEIKSEEELYKLAEKLNIKIIIEDDREKVRKISDSVVC
GEVRSLGIDAKRRRVYATKGKCAIVDILNDTVTNQTIKEGFGIVVLGNRFLKKKAEEELKRTAKLFPMMPIQQIEDAIKE
IFEKLKWHPTVSKEYDIYSVNKYEKNFEEVIKKDIESLFKYREQLRKQLIDFGKVMSIVNKIVKNGEIGVIKDGKLHLYD
DYIAIDKIDPNPKVFKVVDVEGNFKDGDIVVIENGDMKIKGTNEKVTTKYIIIHK
;
_entity_poly.pdbx_strand_id   A,B,C,D
#
# COMPACT_ATOMS: atom_id res chain seq x y z
N SER A 2 -32.31 13.21 13.58
CA SER A 2 -32.33 11.73 13.64
C SER A 2 -31.34 11.07 12.58
N MET A 3 -31.56 9.81 12.26
CA MET A 3 -30.45 9.02 11.74
C MET A 3 -30.55 9.06 10.23
N SER A 4 -29.53 9.60 9.61
CA SER A 4 -29.51 9.73 8.18
C SER A 4 -28.24 8.99 7.77
N LEU A 5 -27.18 9.73 7.51
CA LEU A 5 -25.94 9.18 7.03
C LEU A 5 -24.76 10.05 7.32
N ILE A 6 -23.78 9.46 8.00
CA ILE A 6 -22.45 10.05 8.12
C ILE A 6 -21.41 9.05 7.65
N ILE A 7 -20.49 9.52 6.81
CA ILE A 7 -19.37 8.67 6.33
C ILE A 7 -18.08 9.34 6.63
N CYS A 8 -17.22 8.62 7.32
CA CYS A 8 -15.95 9.16 7.84
C CYS A 8 -14.77 8.30 7.50
N TYR A 9 -13.77 8.87 6.80
CA TYR A 9 -12.56 8.20 6.50
C TYR A 9 -11.46 8.81 7.30
N TYR A 10 -10.57 7.95 7.75
CA TYR A 10 -9.32 8.37 8.40
C TYR A 10 -8.22 7.49 7.88
N GLY A 11 -7.07 8.09 7.66
CA GLY A 11 -5.94 7.36 7.13
C GLY A 11 -4.70 8.24 7.21
N LYS A 12 -3.65 7.76 6.60
CA LYS A 12 -2.35 8.33 6.76
C LYS A 12 -2.25 9.65 5.98
N ASN A 13 -3.13 9.78 5.01
CA ASN A 13 -3.23 10.96 4.19
C ASN A 13 -4.23 11.99 4.74
N GLY A 14 -4.90 11.69 5.84
CA GLY A 14 -5.79 12.63 6.47
C GLY A 14 -7.12 12.03 6.88
N ALA A 15 -8.15 12.87 6.92
CA ALA A 15 -9.49 12.38 7.22
C ALA A 15 -10.54 13.20 6.51
N VAL A 16 -11.65 12.53 6.24
CA VAL A 16 -12.69 13.10 5.41
C VAL A 16 -13.96 12.66 6.06
N ILE A 17 -14.88 13.61 6.20
CA ILE A 17 -16.17 13.29 6.69
C ILE A 17 -17.25 13.98 5.85
N GLY A 18 -18.35 13.24 5.64
CA GLY A 18 -19.51 13.75 4.97
C GLY A 18 -20.72 13.43 5.81
N GLY A 19 -21.69 14.34 5.81
CA GLY A 19 -22.97 14.11 6.47
C GLY A 19 -24.00 15.09 5.96
N ASP A 20 -25.26 14.72 6.05
CA ASP A 20 -26.34 15.62 5.63
C ASP A 20 -26.81 16.37 6.87
N ARG A 21 -28.01 16.97 6.80
CA ARG A 21 -28.50 17.86 7.84
C ARG A 21 -29.91 17.58 8.30
N ARG A 22 -30.48 16.46 7.91
CA ARG A 22 -31.91 16.28 8.10
C ARG A 22 -32.30 15.64 9.44
N GLN A 23 -33.28 16.27 10.07
CA GLN A 23 -33.91 15.79 11.27
C GLN A 23 -35.40 15.65 10.97
N ILE A 24 -35.99 14.57 11.47
CA ILE A 24 -37.42 14.36 11.35
C ILE A 24 -38.02 14.19 12.74
N PHE A 25 -38.99 15.05 13.05
CA PHE A 25 -39.78 14.98 14.28
C PHE A 25 -41.14 14.41 13.94
N PHE A 26 -41.57 13.47 14.76
CA PHE A 26 -42.90 12.90 14.65
C PHE A 26 -43.70 13.34 15.85
N ARG A 27 -44.98 13.66 15.61
CA ARG A 27 -45.94 13.89 16.67
C ARG A 27 -47.10 12.94 16.49
N GLY A 28 -47.39 12.14 17.51
CA GLY A 28 -48.52 11.22 17.49
C GLY A 28 -48.19 10.04 18.36
N SER A 29 -48.98 8.97 18.25
CA SER A 29 -48.85 7.83 19.15
C SER A 29 -47.48 7.19 19.02
N GLU A 30 -46.93 6.79 20.17
CA GLU A 30 -45.64 6.13 20.21
C GLU A 30 -45.62 4.89 19.31
N GLU A 31 -46.68 4.10 19.31
CA GLU A 31 -46.71 2.88 18.48
C GLU A 31 -46.72 3.18 16.97
N ASN A 32 -47.55 4.12 16.53
CA ASN A 32 -47.54 4.48 15.12
C ASN A 32 -46.23 5.13 14.69
N ARG A 33 -45.67 6.00 15.55
CA ARG A 33 -44.32 6.57 15.36
C ARG A 33 -43.31 5.48 14.98
N LYS A 34 -43.33 4.41 15.78
CA LYS A 34 -42.46 3.24 15.61
C LYS A 34 -42.65 2.55 14.26
N ILE A 35 -43.90 2.38 13.85
CA ILE A 35 -44.20 1.76 12.55
C ILE A 35 -43.64 2.61 11.41
N LEU A 36 -43.77 3.93 11.56
CA LEU A 36 -43.31 4.86 10.55
C LEU A 36 -41.78 4.80 10.44
N GLU A 37 -41.10 4.85 11.59
CA GLU A 37 -39.65 4.78 11.61
C GLU A 37 -39.06 3.51 11.01
N GLU A 38 -39.62 2.35 11.37
CA GLU A 38 -39.18 1.05 10.85
C GLU A 38 -39.22 1.06 9.33
N LYS A 39 -40.33 1.49 8.74
CA LYS A 39 -40.46 1.53 7.27
C LYS A 39 -39.54 2.58 6.63
N LEU A 40 -39.32 3.67 7.35
CA LEU A 40 -38.44 4.71 6.89
C LEU A 40 -37.00 4.23 6.86
N TYR A 41 -36.56 3.58 7.93
CA TYR A 41 -35.19 3.18 8.10
C TYR A 41 -34.87 1.83 7.48
N SER A 42 -35.89 1.12 6.99
CA SER A 42 -35.68 -0.20 6.38
C SER A 42 -35.44 -0.08 4.90
N GLY A 43 -35.87 1.06 4.34
CA GLY A 43 -35.85 1.29 2.88
C GLY A 43 -37.20 1.10 2.21
N GLU A 44 -38.21 0.69 2.97
CA GLU A 44 -39.52 0.56 2.37
C GLU A 44 -40.06 1.90 1.85
N ILE A 45 -39.78 2.98 2.58
CA ILE A 45 -40.25 4.29 2.16
C ILE A 45 -39.21 4.95 1.26
N LYS A 46 -39.59 5.14 0.00
CA LYS A 46 -38.69 5.54 -1.08
C LYS A 46 -38.70 7.03 -1.35
N SER A 47 -39.71 7.76 -0.86
CA SER A 47 -39.76 9.20 -1.11
C SER A 47 -40.52 9.93 -0.01
N GLU A 48 -40.37 11.26 -0.02
CA GLU A 48 -41.17 12.14 0.83
C GLU A 48 -42.64 11.99 0.66
N GLU A 49 -43.10 11.88 -0.57
CA GLU A 49 -44.53 11.70 -0.80
C GLU A 49 -45.04 10.43 -0.11
N GLU A 50 -44.29 9.33 -0.18
CA GLU A 50 -44.70 8.09 0.53
C GLU A 50 -44.71 8.29 2.04
N LEU A 51 -43.75 9.05 2.53
CA LEU A 51 -43.66 9.33 3.96
C LEU A 51 -44.85 10.15 4.46
N TYR A 52 -45.13 11.27 3.80
CA TYR A 52 -46.25 12.14 4.23
C TYR A 52 -47.59 11.39 4.14
N LYS A 53 -47.78 10.62 3.08
CA LYS A 53 -48.99 9.82 2.89
C LYS A 53 -49.17 8.83 4.03
N LEU A 54 -48.17 8.00 4.26
CA LEU A 54 -48.30 6.99 5.28
C LEU A 54 -48.52 7.63 6.67
N ALA A 55 -47.77 8.70 6.97
CA ALA A 55 -47.95 9.43 8.23
C ALA A 55 -49.37 9.92 8.47
N GLU A 56 -50.02 10.52 7.47
CA GLU A 56 -51.41 10.96 7.64
C GLU A 56 -52.34 9.77 7.88
N LYS A 57 -52.08 8.65 7.20
CA LYS A 57 -52.87 7.44 7.44
C LYS A 57 -52.68 6.93 8.86
N LEU A 58 -51.52 7.16 9.45
CA LEU A 58 -51.26 6.78 10.83
C LEU A 58 -51.50 7.86 11.91
N ASN A 59 -52.03 9.02 11.52
CA ASN A 59 -52.17 10.17 12.42
C ASN A 59 -50.90 10.58 13.08
N ILE A 60 -49.88 10.78 12.24
CA ILE A 60 -48.61 11.31 12.69
C ILE A 60 -48.31 12.56 11.87
N LYS A 61 -47.95 13.62 12.58
CA LYS A 61 -47.53 14.83 11.93
C LYS A 61 -46.05 14.83 11.91
N ILE A 62 -45.52 15.27 10.77
CA ILE A 62 -44.12 15.24 10.52
C ILE A 62 -43.62 16.66 10.44
N ILE A 63 -42.47 16.89 11.05
CA ILE A 63 -41.74 18.12 10.88
C ILE A 63 -40.33 17.71 10.51
N ILE A 64 -39.89 18.19 9.37
CA ILE A 64 -38.57 17.90 8.86
C ILE A 64 -37.84 19.20 9.04
N GLU A 65 -36.64 19.12 9.61
CA GLU A 65 -35.79 20.29 9.71
C GLU A 65 -34.41 19.94 9.20
N ASP A 66 -33.92 20.78 8.29
CA ASP A 66 -32.69 20.57 7.55
C ASP A 66 -31.64 21.58 7.93
N ASP A 67 -31.83 22.27 9.05
CA ASP A 67 -30.83 23.20 9.51
C ASP A 67 -29.79 22.56 10.43
N ARG A 68 -30.02 21.32 10.85
CA ARG A 68 -29.07 20.57 11.68
C ARG A 68 -27.72 20.26 10.98
N GLU A 69 -26.68 21.05 11.11
CA GLU A 69 -25.33 20.57 10.68
C GLU A 69 -24.92 19.38 11.56
N LYS A 70 -24.53 18.29 10.93
CA LYS A 70 -24.19 17.09 11.61
C LYS A 70 -22.74 16.80 11.56
N VAL A 71 -22.00 17.44 10.67
CA VAL A 71 -20.57 17.31 10.61
C VAL A 71 -19.99 18.67 10.61
N ARG A 72 -18.81 18.81 11.19
CA ARG A 72 -18.11 20.10 11.29
C ARG A 72 -16.66 19.84 11.13
N LYS A 73 -15.96 20.91 10.89
CA LYS A 73 -14.55 20.96 10.87
C LYS A 73 -14.13 21.86 12.06
N ILE A 74 -13.45 21.25 13.03
CA ILE A 74 -13.14 21.93 14.27
C ILE A 74 -11.89 22.77 14.06
N SER A 75 -11.02 22.34 13.14
CA SER A 75 -9.72 22.94 12.91
C SER A 75 -9.11 22.37 11.64
N ASP A 76 -7.87 22.78 11.39
CA ASP A 76 -6.96 22.20 10.38
C ASP A 76 -6.75 20.67 10.55
N SER A 77 -6.97 20.15 11.73
CA SER A 77 -6.63 18.79 12.01
C SER A 77 -7.74 17.88 12.49
N VAL A 78 -8.93 18.43 12.74
CA VAL A 78 -10.02 17.60 13.26
C VAL A 78 -11.37 17.91 12.61
N VAL A 79 -12.02 16.86 12.15
CA VAL A 79 -13.39 16.89 11.72
C VAL A 79 -14.21 16.01 12.67
N CYS A 80 -15.51 16.28 12.73
CA CYS A 80 -16.39 15.43 13.51
C CYS A 80 -17.81 15.47 13.02
N GLY A 81 -18.54 14.50 13.49
CA GLY A 81 -19.94 14.32 13.12
C GLY A 81 -20.69 13.77 14.30
N GLU A 82 -21.99 13.81 14.20
CA GLU A 82 -22.83 13.34 15.24
C GLU A 82 -24.14 12.77 14.71
N VAL A 83 -24.55 11.64 15.24
CA VAL A 83 -25.94 11.26 15.08
C VAL A 83 -26.53 11.37 16.46
N ARG A 84 -27.83 11.64 16.49
CA ARG A 84 -28.52 11.70 17.75
C ARG A 84 -30.00 11.39 17.68
N SER A 85 -30.48 10.96 18.82
CA SER A 85 -31.88 10.77 19.03
C SER A 85 -32.19 11.52 20.30
N LEU A 86 -33.00 12.57 20.16
CA LEU A 86 -33.53 13.26 21.33
C LEU A 86 -34.95 12.75 21.56
N GLY A 87 -35.16 12.04 22.67
CA GLY A 87 -36.51 11.65 23.12
C GLY A 87 -36.60 11.90 24.61
N ILE A 88 -37.05 10.91 25.36
CA ILE A 88 -36.98 11.00 26.82
C ILE A 88 -35.51 11.11 27.23
N ASP A 89 -34.65 10.40 26.49
CA ASP A 89 -33.22 10.44 26.71
C ASP A 89 -32.55 11.10 25.50
N ALA A 90 -31.47 11.81 25.77
CA ALA A 90 -30.67 12.39 24.73
C ALA A 90 -29.54 11.42 24.36
N LYS A 91 -29.74 10.67 23.26
CA LYS A 91 -28.71 9.69 22.76
C LYS A 91 -27.87 10.27 21.62
N ARG A 92 -26.57 10.19 21.76
CA ARG A 92 -25.68 10.68 20.74
C ARG A 92 -24.57 9.71 20.51
N ARG A 93 -24.15 9.65 19.25
CA ARG A 93 -22.94 8.97 18.86
C ARG A 93 -22.17 10.00 18.03
N ARG A 94 -20.96 10.37 18.52
CA ARG A 94 -20.08 11.29 17.83
C ARG A 94 -18.86 10.60 17.30
N VAL A 95 -18.43 11.01 16.12
CA VAL A 95 -17.22 10.51 15.48
C VAL A 95 -16.32 11.74 15.31
N TYR A 96 -15.04 11.56 15.65
CA TYR A 96 -14.05 12.61 15.49
C TYR A 96 -12.97 11.97 14.71
N ALA A 97 -12.24 12.75 13.93
CA ALA A 97 -11.15 12.16 13.15
C ALA A 97 -10.12 13.18 12.81
N THR A 98 -8.89 12.69 12.73
CA THR A 98 -7.74 13.45 12.32
C THR A 98 -6.92 12.54 11.39
N LYS A 99 -5.80 13.05 10.87
CA LYS A 99 -4.89 12.14 10.18
C LYS A 99 -4.54 10.92 11.01
N GLY A 100 -4.84 9.73 10.49
CA GLY A 100 -4.40 8.49 11.12
C GLY A 100 -5.18 7.98 12.31
N LYS A 101 -6.17 8.74 12.79
CA LYS A 101 -6.90 8.39 14.00
C LYS A 101 -8.37 8.82 13.94
N CYS A 102 -9.19 8.05 14.61
CA CYS A 102 -10.59 8.29 14.68
C CYS A 102 -11.08 7.91 16.06
N ALA A 103 -12.11 8.57 16.54
CA ALA A 103 -12.73 8.19 17.83
C ALA A 103 -14.23 8.19 17.68
N ILE A 104 -14.87 7.27 18.37
CA ILE A 104 -16.31 7.20 18.38
C ILE A 104 -16.69 7.30 19.83
N VAL A 105 -17.59 8.21 20.15
CA VAL A 105 -18.10 8.42 21.51
C VAL A 105 -19.61 8.39 21.60
N ASP A 106 -20.12 7.56 22.51
CA ASP A 106 -21.52 7.38 22.76
C ASP A 106 -21.85 8.08 24.02
N ILE A 107 -22.96 8.83 23.99
CA ILE A 107 -23.38 9.65 25.09
C ILE A 107 -24.88 9.49 25.29
N LEU A 108 -25.25 9.15 26.52
CA LEU A 108 -26.61 9.10 26.94
C LEU A 108 -26.73 10.23 27.96
N ASN A 109 -27.45 11.27 27.57
CA ASN A 109 -27.72 12.42 28.40
C ASN A 109 -26.39 13.06 28.77
N ASP A 110 -25.95 12.99 30.03
CA ASP A 110 -24.69 13.63 30.44
C ASP A 110 -23.57 12.64 30.70
N THR A 111 -23.72 11.41 30.23
CA THR A 111 -22.73 10.37 30.48
C THR A 111 -22.16 9.78 29.18
N VAL A 112 -20.85 9.80 29.08
CA VAL A 112 -20.13 8.98 28.08
C VAL A 112 -20.28 7.50 28.45
N THR A 113 -21.02 6.73 27.64
CA THR A 113 -21.23 5.30 27.89
C THR A 113 -20.30 4.38 27.08
N ASN A 114 -19.74 4.84 25.98
CA ASN A 114 -18.81 4.03 25.20
C ASN A 114 -17.87 4.94 24.51
N GLN A 115 -16.64 4.47 24.41
CA GLN A 115 -15.72 5.14 23.57
C GLN A 115 -14.86 4.17 22.85
N THR A 116 -14.41 4.61 21.68
CA THR A 116 -13.60 3.82 20.79
C THR A 116 -12.55 4.75 20.21
N ILE A 117 -11.31 4.34 20.27
CA ILE A 117 -10.26 5.06 19.57
C ILE A 117 -9.59 4.11 18.59
N LYS A 118 -9.41 4.59 17.37
CA LYS A 118 -8.85 3.82 16.25
C LYS A 118 -7.65 4.52 15.67
N GLU A 119 -6.58 3.78 15.40
CA GLU A 119 -5.42 4.31 14.71
C GLU A 119 -5.05 3.44 13.54
N GLY A 120 -4.73 4.09 12.43
CA GLY A 120 -4.30 3.39 11.21
C GLY A 120 -5.09 3.97 10.09
N PHE A 121 -6.05 3.20 9.60
CA PHE A 121 -6.86 3.70 8.52
C PHE A 121 -8.17 2.95 8.53
N GLY A 122 -9.24 3.60 8.11
CA GLY A 122 -10.55 2.96 7.98
C GLY A 122 -11.68 3.93 7.73
N ILE A 123 -12.88 3.39 7.83
CA ILE A 123 -14.06 4.06 7.51
C ILE A 123 -15.08 3.74 8.53
N VAL A 124 -15.80 4.77 8.92
CA VAL A 124 -16.90 4.67 9.85
C VAL A 124 -18.11 5.22 9.10
N VAL A 125 -19.16 4.40 9.08
CA VAL A 125 -20.44 4.78 8.62
C VAL A 125 -21.44 4.73 9.75
N LEU A 126 -22.04 5.89 10.01
CA LEU A 126 -23.18 6.09 10.95
C LEU A 126 -24.49 6.43 10.19
N GLY A 127 -25.62 5.89 10.63
CA GLY A 127 -26.91 6.26 10.04
C GLY A 127 -27.90 5.14 10.18
N ASN A 128 -29.05 5.24 9.47
CA ASN A 128 -30.06 4.16 9.47
C ASN A 128 -29.57 2.95 8.73
N ARG A 129 -30.21 1.81 9.01
CA ARG A 129 -29.83 0.54 8.43
C ARG A 129 -29.73 0.59 6.93
N PHE A 130 -30.70 1.23 6.28
CA PHE A 130 -30.82 1.17 4.83
C PHE A 130 -29.70 1.96 4.28
N LEU A 131 -29.52 3.16 4.77
CA LEU A 131 -28.49 4.00 4.17
C LEU A 131 -27.11 3.49 4.57
N LYS A 132 -26.96 3.00 5.78
CA LYS A 132 -25.70 2.40 6.24
C LYS A 132 -25.31 1.31 5.29
N LYS A 133 -26.24 0.41 5.02
CA LYS A 133 -25.90 -0.71 4.17
C LYS A 133 -25.53 -0.26 2.75
N LYS A 134 -26.34 0.63 2.16
CA LYS A 134 -26.11 1.07 0.79
C LYS A 134 -24.76 1.83 0.67
N ALA A 135 -24.45 2.68 1.66
CA ALA A 135 -23.17 3.37 1.67
C ALA A 135 -22.03 2.36 1.76
N GLU A 136 -22.15 1.39 2.64
CA GLU A 136 -21.12 0.32 2.74
C GLU A 136 -20.97 -0.41 1.43
N GLU A 137 -22.09 -0.66 0.76
CA GLU A 137 -22.08 -1.34 -0.52
C GLU A 137 -21.38 -0.50 -1.58
N GLU A 138 -21.76 0.76 -1.68
CA GLU A 138 -21.08 1.69 -2.56
C GLU A 138 -19.60 1.82 -2.17
N LEU A 139 -19.29 1.83 -0.89
CA LEU A 139 -17.91 2.01 -0.46
C LEU A 139 -16.99 0.87 -0.83
N LYS A 140 -17.52 -0.35 -0.92
CA LYS A 140 -16.64 -1.51 -1.10
C LYS A 140 -15.95 -1.40 -2.48
N ARG A 141 -16.52 -0.59 -3.39
CA ARG A 141 -15.89 -0.30 -4.68
C ARG A 141 -14.73 0.73 -4.68
N THR A 142 -14.65 1.64 -3.72
CA THR A 142 -13.51 2.57 -3.66
C THR A 142 -12.70 2.52 -2.37
N ALA A 143 -13.24 1.96 -1.31
CA ALA A 143 -12.65 2.15 0.01
C ALA A 143 -11.25 1.57 0.13
N LYS A 144 -11.00 0.49 -0.60
CA LYS A 144 -9.67 -0.09 -0.62
C LYS A 144 -8.63 0.92 -1.13
N LEU A 145 -9.04 1.77 -2.05
CA LEU A 145 -8.12 2.66 -2.70
C LEU A 145 -7.84 3.92 -1.91
N PHE A 146 -8.69 4.25 -0.95
CA PHE A 146 -8.56 5.53 -0.25
C PHE A 146 -7.17 5.89 0.30
N PRO A 147 -6.48 4.94 0.96
CA PRO A 147 -5.12 5.27 1.52
C PRO A 147 -4.10 5.72 0.50
N MET A 148 -4.30 5.33 -0.75
CA MET A 148 -3.43 5.70 -1.85
C MET A 148 -3.90 6.90 -2.64
N MET A 149 -5.04 7.45 -2.30
CA MET A 149 -5.62 8.56 -3.07
C MET A 149 -5.24 9.89 -2.48
N PRO A 150 -5.13 10.91 -3.31
CA PRO A 150 -5.26 12.26 -2.74
C PRO A 150 -6.62 12.51 -2.10
N ILE A 151 -6.60 13.43 -1.17
CA ILE A 151 -7.71 13.75 -0.32
C ILE A 151 -8.93 14.18 -1.13
N GLN A 152 -8.70 14.97 -2.15
CA GLN A 152 -9.77 15.41 -2.98
C GLN A 152 -10.52 14.28 -3.66
N GLN A 153 -9.83 13.20 -3.98
CA GLN A 153 -10.49 12.07 -4.63
C GLN A 153 -11.34 11.36 -3.62
N ILE A 154 -10.90 11.33 -2.38
CA ILE A 154 -11.71 10.69 -1.36
C ILE A 154 -12.95 11.50 -1.09
N GLU A 155 -12.79 12.81 -1.05
CA GLU A 155 -13.92 13.74 -0.96
C GLU A 155 -14.91 13.43 -2.04
N ASP A 156 -14.39 13.31 -3.26
CA ASP A 156 -15.23 13.07 -4.43
C ASP A 156 -15.96 11.72 -4.30
N ALA A 157 -15.26 10.68 -3.86
CA ALA A 157 -15.84 9.41 -3.73
C ALA A 157 -16.93 9.45 -2.70
N ILE A 158 -16.71 10.19 -1.63
CA ILE A 158 -17.77 10.31 -0.63
C ILE A 158 -18.98 11.19 -1.11
N LYS A 159 -18.71 12.26 -1.83
CA LYS A 159 -19.78 13.06 -2.44
C LYS A 159 -20.64 12.19 -3.36
N GLU A 160 -19.98 11.39 -4.19
CA GLU A 160 -20.67 10.53 -5.16
C GLU A 160 -21.69 9.65 -4.42
N ILE A 161 -21.33 9.14 -3.26
CA ILE A 161 -22.20 8.26 -2.52
C ILE A 161 -23.39 9.05 -1.96
N PHE A 162 -23.14 10.23 -1.42
CA PHE A 162 -24.19 11.15 -1.05
C PHE A 162 -25.07 11.61 -2.24
N GLU A 163 -24.52 11.77 -3.42
CA GLU A 163 -25.33 12.05 -4.64
C GLU A 163 -26.20 10.88 -5.03
N LYS A 164 -25.65 9.67 -4.95
CA LYS A 164 -26.44 8.48 -5.25
C LYS A 164 -27.55 8.23 -4.22
N LEU A 165 -27.33 8.57 -2.94
CA LEU A 165 -28.30 8.22 -1.89
C LEU A 165 -29.27 9.34 -1.43
N LYS A 166 -29.04 10.58 -1.82
CA LYS A 166 -29.80 11.70 -1.29
C LYS A 166 -31.26 11.77 -1.75
N TRP A 167 -31.67 10.96 -2.71
CA TRP A 167 -33.07 10.86 -3.01
C TRP A 167 -33.81 10.39 -1.73
N HIS A 168 -33.11 9.71 -0.82
CA HIS A 168 -33.77 9.10 0.30
C HIS A 168 -34.32 10.15 1.22
N PRO A 169 -35.52 9.94 1.73
CA PRO A 169 -36.20 10.98 2.50
C PRO A 169 -35.64 11.25 3.90
N THR A 170 -34.70 10.45 4.38
CA THR A 170 -34.05 10.79 5.64
C THR A 170 -32.87 11.71 5.42
N VAL A 171 -32.59 12.05 4.17
CA VAL A 171 -31.46 12.87 3.82
C VAL A 171 -31.93 14.27 3.39
N SER A 172 -31.22 15.32 3.81
CA SER A 172 -31.52 16.65 3.36
C SER A 172 -31.05 16.86 1.92
N LYS A 173 -31.45 17.98 1.35
CA LYS A 173 -31.10 18.34 0.02
C LYS A 173 -29.64 18.62 -0.06
N GLU A 174 -29.12 19.22 1.02
CA GLU A 174 -27.70 19.62 1.12
C GLU A 174 -26.98 18.77 2.14
N TYR A 175 -25.71 18.53 1.84
CA TYR A 175 -24.88 17.75 2.66
C TYR A 175 -23.52 18.47 2.69
N ASP A 176 -22.70 18.13 3.68
CA ASP A 176 -21.47 18.79 3.90
C ASP A 176 -20.32 17.76 3.90
N ILE A 177 -19.20 18.15 3.31
CA ILE A 177 -17.99 17.34 3.26
C ILE A 177 -16.85 18.17 3.74
N TYR A 178 -16.07 17.64 4.67
CA TYR A 178 -14.91 18.35 5.18
C TYR A 178 -13.76 17.37 5.31
N SER A 179 -12.57 17.89 5.05
CA SER A 179 -11.37 17.10 5.17
C SER A 179 -10.25 17.87 5.79
N VAL A 180 -9.35 17.12 6.38
CA VAL A 180 -8.18 17.68 6.99
C VAL A 180 -7.04 16.81 6.64
N ASN A 181 -5.87 17.40 6.55
CA ASN A 181 -4.65 16.65 6.22
C ASN A 181 -3.54 16.87 7.22
N LYS A 182 -3.85 17.29 8.44
CA LYS A 182 -2.83 17.47 9.50
C LYS A 182 -3.19 16.65 10.68
N TYR A 183 -2.17 16.28 11.43
CA TYR A 183 -2.31 15.38 12.53
C TYR A 183 -2.54 16.22 13.75
N GLU A 184 -3.55 15.89 14.53
CA GLU A 184 -3.79 16.63 15.77
C GLU A 184 -3.08 15.91 16.87
N LYS A 185 -2.10 16.57 17.45
CA LYS A 185 -1.28 15.99 18.51
C LYS A 185 -2.02 15.82 19.84
N ASN A 186 -3.02 16.65 20.10
CA ASN A 186 -3.81 16.56 21.31
C ASN A 186 -5.25 16.16 21.01
N PHE A 187 -5.39 15.03 20.30
CA PHE A 187 -6.64 14.63 19.74
C PHE A 187 -7.63 14.43 20.87
N GLU A 188 -7.17 13.74 21.89
CA GLU A 188 -8.04 13.34 23.01
C GLU A 188 -8.52 14.52 23.83
N GLU A 189 -7.64 15.50 23.97
CA GLU A 189 -7.99 16.75 24.62
C GLU A 189 -9.04 17.51 23.82
N VAL A 190 -8.83 17.63 22.49
CA VAL A 190 -9.78 18.28 21.63
C VAL A 190 -11.15 17.62 21.74
N ILE A 191 -11.19 16.30 21.79
CA ILE A 191 -12.45 15.61 21.95
C ILE A 191 -13.06 15.86 23.31
N LYS A 192 -12.21 15.86 24.32
CA LYS A 192 -12.65 16.12 25.69
C LYS A 192 -13.27 17.50 25.79
N LYS A 193 -12.59 18.50 25.25
CA LYS A 193 -13.13 19.87 25.30
C LYS A 193 -14.49 19.97 24.56
N ASP A 194 -14.58 19.36 23.39
CA ASP A 194 -15.83 19.37 22.65
C ASP A 194 -16.96 18.76 23.44
N ILE A 195 -16.68 17.68 24.17
CA ILE A 195 -17.71 16.99 24.93
C ILE A 195 -18.15 17.77 26.17
N GLU A 196 -17.17 18.34 26.86
CA GLU A 196 -17.46 19.26 27.95
C GLU A 196 -18.39 20.44 27.53
N SER A 197 -18.16 20.99 26.34
CA SER A 197 -19.05 22.03 25.80
C SER A 197 -20.46 21.54 25.67
N LEU A 198 -20.63 20.29 25.25
CA LEU A 198 -21.97 19.69 25.21
C LEU A 198 -22.57 19.66 26.60
N PHE A 199 -21.77 19.23 27.57
CA PHE A 199 -22.29 19.19 28.93
C PHE A 199 -22.56 20.57 29.50
N LYS A 200 -21.77 21.58 29.14
CA LYS A 200 -22.05 22.94 29.60
C LYS A 200 -23.38 23.43 29.01
N TYR A 201 -23.56 23.17 27.73
CA TYR A 201 -24.77 23.59 27.07
C TYR A 201 -25.98 22.90 27.69
N ARG A 202 -25.86 21.59 27.96
CA ARG A 202 -26.98 20.87 28.60
C ARG A 202 -27.26 21.36 30.00
N GLU A 203 -26.22 21.75 30.73
CA GLU A 203 -26.36 22.27 32.10
C GLU A 203 -27.09 23.62 32.08
N GLN A 204 -26.78 24.46 31.10
CA GLN A 204 -27.54 25.69 30.82
C GLN A 204 -29.03 25.44 30.52
N LEU A 205 -29.35 24.46 29.68
CA LEU A 205 -30.76 24.16 29.44
C LEU A 205 -31.42 23.67 30.71
N ARG A 206 -30.70 22.84 31.45
CA ARG A 206 -31.20 22.35 32.71
C ARG A 206 -31.54 23.53 33.62
N LYS A 207 -30.63 24.49 33.74
CA LYS A 207 -30.86 25.68 34.57
C LYS A 207 -32.10 26.45 34.13
N GLN A 208 -32.26 26.67 32.84
CA GLN A 208 -33.48 27.29 32.30
C GLN A 208 -34.74 26.52 32.69
N LEU A 209 -34.69 25.20 32.67
CA LEU A 209 -35.89 24.43 33.03
C LEU A 209 -36.15 24.46 34.53
N ILE A 210 -35.08 24.48 35.31
CA ILE A 210 -35.18 24.58 36.76
C ILE A 210 -35.82 25.90 37.13
N ASP A 211 -35.37 26.96 36.46
CA ASP A 211 -35.91 28.32 36.65
C ASP A 211 -37.40 28.42 36.26
N PHE A 212 -37.78 27.78 35.17
CA PHE A 212 -39.17 27.75 34.81
C PHE A 212 -39.96 27.07 35.91
N GLY A 213 -39.42 25.99 36.48
CA GLY A 213 -40.10 25.25 37.53
C GLY A 213 -40.23 26.01 38.86
N LYS A 214 -39.22 26.81 39.21
CA LYS A 214 -39.29 27.70 40.35
C LYS A 214 -40.37 28.75 40.17
N VAL A 215 -40.45 29.29 38.96
CA VAL A 215 -41.48 30.26 38.65
C VAL A 215 -42.88 29.65 38.72
N MET A 216 -43.07 28.51 38.09
CA MET A 216 -44.38 27.85 38.19
C MET A 216 -44.73 27.54 39.63
N SER A 217 -43.73 27.11 40.38
CA SER A 217 -43.90 26.75 41.79
C SER A 217 -44.30 27.96 42.65
N ILE A 218 -43.77 29.12 42.29
CA ILE A 218 -44.15 30.37 42.93
C ILE A 218 -45.58 30.67 42.57
N VAL A 219 -45.93 30.54 41.29
CA VAL A 219 -47.30 30.85 40.86
C VAL A 219 -48.37 29.97 41.52
N ASN A 220 -48.08 28.69 41.70
CA ASN A 220 -49.02 27.82 42.38
C ASN A 220 -49.10 28.04 43.88
N LYS A 221 -48.11 28.74 44.44
CA LYS A 221 -48.09 29.02 45.87
C LYS A 221 -48.72 30.38 46.23
N ILE A 222 -49.18 31.15 45.25
CA ILE A 222 -49.87 32.39 45.54
C ILE A 222 -51.05 32.15 46.48
N VAL A 223 -51.22 33.03 47.47
CA VAL A 223 -52.25 32.85 48.47
C VAL A 223 -53.58 33.36 47.94
N LYS A 224 -54.56 32.46 47.93
CA LYS A 224 -55.94 32.79 47.61
C LYS A 224 -56.77 32.95 48.89
N ASN A 225 -56.38 32.27 49.96
CA ASN A 225 -57.07 32.30 51.22
C ASN A 225 -56.14 32.15 52.39
N GLY A 226 -56.22 33.10 53.33
CA GLY A 226 -55.47 32.98 54.55
C GLY A 226 -55.56 34.22 55.41
N GLU A 227 -55.38 34.02 56.72
CA GLU A 227 -55.11 35.08 57.66
C GLU A 227 -53.57 35.22 57.64
N ILE A 228 -53.06 36.27 56.97
CA ILE A 228 -51.65 36.33 56.58
C ILE A 228 -50.74 37.14 57.49
N GLY A 229 -51.29 38.06 58.29
CA GLY A 229 -50.46 38.88 59.15
C GLY A 229 -51.17 40.01 59.86
N VAL A 230 -50.36 40.91 60.43
CA VAL A 230 -50.86 42.00 61.29
C VAL A 230 -50.25 43.34 60.90
N ILE A 231 -51.01 44.42 60.92
CA ILE A 231 -50.51 45.76 60.56
C ILE A 231 -49.64 46.34 61.67
N LYS A 232 -48.45 46.84 61.34
CA LYS A 232 -47.63 47.61 62.28
C LYS A 232 -46.71 48.60 61.57
N ASP A 233 -46.73 49.87 62.01
CA ASP A 233 -46.07 50.97 61.35
C ASP A 233 -46.51 51.17 59.90
N GLY A 234 -47.80 50.94 59.59
CA GLY A 234 -48.30 51.00 58.19
C GLY A 234 -47.82 49.86 57.29
N LYS A 235 -47.34 48.78 57.90
CA LYS A 235 -46.81 47.68 57.17
C LYS A 235 -47.41 46.36 57.63
N LEU A 236 -47.50 45.43 56.68
CA LEU A 236 -47.99 44.09 56.94
C LEU A 236 -46.84 43.23 57.38
N HIS A 237 -46.83 42.81 58.65
CA HIS A 237 -45.86 41.90 59.13
C HIS A 237 -46.45 40.58 58.94
N LEU A 238 -45.92 39.80 57.99
CA LEU A 238 -46.48 38.51 57.66
C LEU A 238 -46.19 37.46 58.68
N TYR A 239 -47.17 36.59 58.90
CA TYR A 239 -46.99 35.41 59.74
C TYR A 239 -46.02 34.45 59.10
N ASP A 240 -45.57 33.48 59.91
CA ASP A 240 -44.51 32.56 59.55
C ASP A 240 -44.77 31.76 58.28
N ASP A 241 -46.02 31.32 58.09
CA ASP A 241 -46.40 30.57 56.91
C ASP A 241 -46.31 31.34 55.62
N TYR A 242 -46.09 32.66 55.67
CA TYR A 242 -46.17 33.47 54.47
C TYR A 242 -44.97 34.31 54.22
N ILE A 243 -44.75 34.60 52.96
CA ILE A 243 -43.69 35.51 52.57
C ILE A 243 -44.16 36.29 51.38
N ALA A 244 -43.52 37.44 51.17
CA ALA A 244 -43.86 38.25 50.03
C ALA A 244 -42.73 38.31 49.10
N ILE A 245 -43.03 38.53 47.82
CA ILE A 245 -41.99 38.69 46.82
C ILE A 245 -42.28 39.93 46.03
N ASP A 246 -41.24 40.51 45.46
CA ASP A 246 -41.36 41.75 44.70
C ASP A 246 -41.92 41.53 43.28
N LYS A 247 -41.77 40.30 42.75
CA LYS A 247 -42.23 39.95 41.41
C LYS A 247 -42.10 38.48 41.15
N ILE A 248 -42.84 38.00 40.15
CA ILE A 248 -42.71 36.62 39.70
C ILE A 248 -41.43 36.48 38.90
N ASP A 249 -40.51 35.66 39.42
CA ASP A 249 -39.15 35.56 38.94
C ASP A 249 -38.61 34.25 39.53
N PRO A 250 -37.60 33.62 38.90
CA PRO A 250 -36.98 32.45 39.53
C PRO A 250 -36.35 32.67 40.91
N ASN A 251 -35.68 33.82 41.13
CA ASN A 251 -35.10 34.12 42.45
C ASN A 251 -35.41 35.56 42.86
N PRO A 252 -36.63 35.78 43.39
CA PRO A 252 -37.11 37.14 43.66
C PRO A 252 -36.62 37.67 45.01
N LYS A 253 -36.58 38.97 45.20
CA LYS A 253 -36.37 39.51 46.55
C LYS A 253 -37.56 39.11 47.42
N VAL A 254 -37.27 38.55 48.59
CA VAL A 254 -38.25 38.07 49.53
C VAL A 254 -38.42 39.09 50.65
N PHE A 255 -39.63 39.22 51.15
CA PHE A 255 -39.93 40.14 52.20
C PHE A 255 -40.85 39.50 53.22
N LYS A 256 -40.57 39.74 54.50
CA LYS A 256 -41.52 39.40 55.60
C LYS A 256 -42.40 40.56 56.00
N VAL A 257 -41.97 41.76 55.66
CA VAL A 257 -42.62 42.95 56.07
C VAL A 257 -42.88 43.80 54.79
N VAL A 258 -44.16 44.03 54.53
CA VAL A 258 -44.69 44.45 53.25
C VAL A 258 -45.40 45.78 53.38
N ASP A 259 -45.04 46.70 52.53
CA ASP A 259 -45.73 47.98 52.45
C ASP A 259 -47.14 47.75 51.89
N VAL A 260 -48.12 48.31 52.58
CA VAL A 260 -49.52 48.20 52.19
C VAL A 260 -50.23 49.53 52.34
N GLU A 261 -51.36 49.67 51.67
CA GLU A 261 -52.15 50.90 51.71
C GLU A 261 -53.64 50.57 51.89
N GLY A 262 -54.35 51.49 52.54
CA GLY A 262 -55.74 51.31 52.89
C GLY A 262 -56.08 51.84 54.26
N ASN A 263 -57.36 51.72 54.63
CA ASN A 263 -57.87 52.27 55.88
C ASN A 263 -57.83 51.20 56.96
N PHE A 264 -56.74 51.18 57.71
CA PHE A 264 -56.55 50.20 58.77
C PHE A 264 -55.76 50.87 59.84
N LYS A 265 -55.48 50.16 60.92
CA LYS A 265 -54.59 50.65 61.97
C LYS A 265 -53.71 49.55 62.55
N ASP A 266 -52.74 49.97 63.35
CA ASP A 266 -51.87 49.04 64.04
C ASP A 266 -52.65 47.98 64.82
N GLY A 267 -52.23 46.73 64.65
CA GLY A 267 -52.91 45.58 65.26
C GLY A 267 -54.01 44.95 64.41
N ASP A 268 -54.51 45.66 63.40
CA ASP A 268 -55.44 45.05 62.46
C ASP A 268 -54.83 43.81 61.80
N ILE A 269 -55.67 42.79 61.60
CA ILE A 269 -55.26 41.53 61.01
C ILE A 269 -55.60 41.59 59.54
N VAL A 270 -54.63 41.24 58.70
CA VAL A 270 -54.86 41.20 57.26
C VAL A 270 -55.18 39.77 56.83
N VAL A 271 -56.19 39.65 55.96
CA VAL A 271 -56.61 38.38 55.40
C VAL A 271 -56.70 38.49 53.89
N ILE A 272 -56.68 37.34 53.23
CA ILE A 272 -57.00 37.26 51.81
C ILE A 272 -58.13 36.25 51.70
N GLU A 273 -59.17 36.61 50.99
CA GLU A 273 -60.20 35.62 50.61
C GLU A 273 -60.53 35.72 49.12
N ASN A 274 -60.49 34.58 48.43
CA ASN A 274 -60.60 34.53 46.97
C ASN A 274 -59.68 35.45 46.22
N GLY A 275 -58.46 35.61 46.74
CA GLY A 275 -57.49 36.52 46.16
C GLY A 275 -57.72 37.99 46.50
N ASP A 276 -58.70 38.30 47.35
CA ASP A 276 -58.96 39.68 47.75
C ASP A 276 -58.35 39.90 49.10
N MET A 277 -57.48 40.89 49.17
CA MET A 277 -56.79 41.22 50.40
C MET A 277 -57.55 42.32 51.15
N LYS A 278 -57.89 42.06 52.40
CA LYS A 278 -58.66 43.02 53.19
C LYS A 278 -58.31 42.91 54.67
N ILE A 279 -58.88 43.79 55.47
CA ILE A 279 -58.76 43.75 56.91
C ILE A 279 -59.82 42.82 57.50
N LYS A 280 -59.38 41.94 58.39
CA LYS A 280 -60.28 41.05 59.10
C LYS A 280 -61.25 41.85 59.94
N GLY A 281 -62.54 41.51 59.85
CA GLY A 281 -63.58 42.24 60.59
C GLY A 281 -64.10 43.46 59.84
N THR A 282 -63.25 44.49 59.69
CA THR A 282 -63.60 45.70 58.95
C THR A 282 -63.94 45.40 57.48
N ASN A 283 -63.23 44.44 56.90
CA ASN A 283 -63.45 44.08 55.51
C ASN A 283 -62.97 45.18 54.55
N GLU A 284 -62.13 46.07 55.07
CA GLU A 284 -61.60 47.20 54.32
C GLU A 284 -60.46 46.73 53.40
N LYS A 285 -60.35 47.38 52.25
CA LYS A 285 -59.50 46.90 51.18
C LYS A 285 -58.01 47.18 51.46
N VAL A 286 -57.15 46.19 51.23
CA VAL A 286 -55.70 46.38 51.40
C VAL A 286 -55.00 46.15 50.08
N THR A 287 -54.32 47.17 49.60
CA THR A 287 -53.57 47.05 48.39
C THR A 287 -52.05 46.98 48.71
N THR A 288 -51.31 46.32 47.82
CA THR A 288 -49.86 46.25 47.90
C THR A 288 -49.27 46.00 46.52
N LYS A 289 -48.01 46.36 46.33
CA LYS A 289 -47.30 46.03 45.11
C LYS A 289 -46.76 44.60 45.13
N TYR A 290 -46.69 44.00 46.31
CA TYR A 290 -46.00 42.73 46.46
C TYR A 290 -46.96 41.59 46.21
N ILE A 291 -46.40 40.41 46.02
CA ILE A 291 -47.19 39.24 45.81
C ILE A 291 -46.95 38.38 47.02
N ILE A 292 -48.05 37.90 47.59
CA ILE A 292 -48.01 37.07 48.79
C ILE A 292 -48.17 35.61 48.41
N ILE A 293 -47.27 34.79 48.98
CA ILE A 293 -47.27 33.36 48.69
C ILE A 293 -47.08 32.57 49.97
N HIS A 294 -47.54 31.32 49.94
CA HIS A 294 -47.29 30.34 51.01
C HIS A 294 -45.80 30.06 51.05
N LYS A 295 -45.21 30.06 52.24
CA LYS A 295 -43.81 29.66 52.46
C LYS A 295 -43.46 28.39 51.69
N SER B 2 4.02 1.50 -37.22
CA SER B 2 5.28 2.09 -36.67
C SER B 2 5.23 2.42 -35.14
N MET B 3 4.83 3.64 -34.71
CA MET B 3 4.67 3.99 -33.27
C MET B 3 3.42 4.82 -32.90
N SER B 4 2.56 4.22 -32.08
CA SER B 4 1.28 4.79 -31.74
C SER B 4 1.29 4.79 -30.20
N LEU B 5 0.64 3.80 -29.59
CA LEU B 5 0.52 3.71 -28.15
C LEU B 5 0.25 2.27 -27.68
N ILE B 6 1.14 1.78 -26.80
CA ILE B 6 0.92 0.58 -26.07
C ILE B 6 1.01 0.94 -24.56
N ILE B 7 0.00 0.57 -23.79
CA ILE B 7 0.04 0.71 -22.31
C ILE B 7 -0.08 -0.67 -21.70
N CYS B 8 0.90 -1.02 -20.86
CA CYS B 8 0.94 -2.30 -20.17
C CYS B 8 1.01 -2.16 -18.64
N TYR B 9 0.05 -2.74 -17.91
CA TYR B 9 0.10 -2.84 -16.47
C TYR B 9 0.45 -4.24 -16.08
N TYR B 10 1.29 -4.35 -15.04
CA TYR B 10 1.54 -5.64 -14.37
C TYR B 10 1.54 -5.40 -12.88
N GLY B 11 1.04 -6.37 -12.13
CA GLY B 11 0.97 -6.27 -10.70
C GLY B 11 0.48 -7.58 -10.15
N LYS B 12 0.19 -7.59 -8.85
CA LYS B 12 -0.07 -8.79 -8.08
C LYS B 12 -1.43 -9.37 -8.42
N ASN B 13 -2.30 -8.51 -8.96
CA ASN B 13 -3.62 -8.90 -9.39
C ASN B 13 -3.68 -9.25 -10.90
N GLY B 14 -2.57 -9.16 -11.62
CA GLY B 14 -2.54 -9.63 -13.02
C GLY B 14 -1.83 -8.67 -13.93
N ALA B 15 -2.19 -8.71 -15.21
CA ALA B 15 -1.61 -7.80 -16.17
C ALA B 15 -2.59 -7.45 -17.23
N VAL B 16 -2.40 -6.26 -17.75
CA VAL B 16 -3.35 -5.70 -18.70
C VAL B 16 -2.55 -4.96 -19.74
N ILE B 17 -2.92 -5.18 -21.00
CA ILE B 17 -2.25 -4.47 -22.07
C ILE B 17 -3.25 -3.98 -23.05
N GLY B 18 -3.01 -2.76 -23.52
CA GLY B 18 -3.80 -2.16 -24.53
C GLY B 18 -2.90 -1.64 -25.60
N GLY B 19 -3.36 -1.73 -26.84
CA GLY B 19 -2.65 -1.16 -27.97
C GLY B 19 -3.58 -1.05 -29.18
N ASP B 20 -3.26 -0.14 -30.08
CA ASP B 20 -4.15 0.10 -31.25
C ASP B 20 -3.54 -0.73 -32.37
N ARG B 21 -3.90 -0.41 -33.60
CA ARG B 21 -3.51 -1.23 -34.74
C ARG B 21 -2.96 -0.46 -35.87
N ARG B 22 -2.69 0.83 -35.70
CA ARG B 22 -2.38 1.70 -36.85
C ARG B 22 -0.92 1.73 -37.28
N GLN B 23 -0.74 1.55 -38.57
CA GLN B 23 0.54 1.70 -39.24
C GLN B 23 0.40 2.77 -40.31
N ILE B 24 1.43 3.59 -40.44
CA ILE B 24 1.47 4.61 -41.49
C ILE B 24 2.74 4.41 -42.32
N PHE B 25 2.53 4.25 -43.62
CA PHE B 25 3.61 4.20 -44.60
C PHE B 25 3.67 5.54 -45.33
N PHE B 26 4.89 6.06 -45.49
CA PHE B 26 5.14 7.27 -46.27
C PHE B 26 5.92 6.89 -47.52
N ARG B 27 5.57 7.52 -48.64
CA ARG B 27 6.35 7.40 -49.86
C ARG B 27 6.67 8.80 -50.38
N GLY B 28 7.96 9.04 -50.61
CA GLY B 28 8.45 10.34 -51.09
C GLY B 28 9.83 10.57 -50.54
N SER B 29 10.31 11.80 -50.62
CA SER B 29 11.70 12.10 -50.23
C SER B 29 11.94 11.82 -48.76
N GLU B 30 13.11 11.28 -48.48
CA GLU B 30 13.49 10.96 -47.11
C GLU B 30 13.41 12.21 -46.23
N GLU B 31 13.86 13.36 -46.74
CA GLU B 31 13.85 14.59 -45.90
C GLU B 31 12.44 15.08 -45.59
N ASN B 32 11.56 15.11 -46.57
CA ASN B 32 10.18 15.50 -46.30
C ASN B 32 9.45 14.52 -45.41
N ARG B 33 9.67 13.23 -45.63
CA ARG B 33 9.19 12.21 -44.72
C ARG B 33 9.49 12.55 -43.26
N LYS B 34 10.76 12.90 -43.00
CA LYS B 34 11.27 13.26 -41.68
C LYS B 34 10.53 14.44 -41.08
N ILE B 35 10.30 15.47 -41.90
CA ILE B 35 9.56 16.65 -41.46
C ILE B 35 8.12 16.27 -41.06
N LEU B 36 7.52 15.38 -41.83
CA LEU B 36 6.16 14.92 -41.57
C LEU B 36 6.13 14.16 -40.24
N GLU B 37 7.04 13.22 -40.06
CA GLU B 37 7.06 12.40 -38.84
C GLU B 37 7.24 13.22 -37.58
N GLU B 38 8.18 14.15 -37.60
CA GLU B 38 8.44 14.99 -36.43
C GLU B 38 7.19 15.70 -36.00
N LYS B 39 6.49 16.32 -36.95
CA LYS B 39 5.25 17.03 -36.62
C LYS B 39 4.11 16.09 -36.17
N LEU B 40 4.10 14.88 -36.73
CA LEU B 40 3.14 13.89 -36.36
C LEU B 40 3.34 13.39 -34.95
N TYR B 41 4.60 13.08 -34.60
CA TYR B 41 4.92 12.53 -33.30
C TYR B 41 5.17 13.57 -32.20
N SER B 42 5.18 14.86 -32.55
CA SER B 42 5.39 15.93 -31.57
C SER B 42 4.06 16.40 -31.01
N GLY B 43 2.98 16.12 -31.72
CA GLY B 43 1.65 16.62 -31.38
C GLY B 43 1.22 17.82 -32.21
N GLU B 44 2.09 18.32 -33.08
CA GLU B 44 1.70 19.45 -33.90
C GLU B 44 0.57 19.11 -34.87
N ILE B 45 0.58 17.88 -35.38
CA ILE B 45 -0.51 17.43 -36.25
C ILE B 45 -1.65 16.81 -35.44
N LYS B 46 -2.79 17.49 -35.45
CA LYS B 46 -3.90 17.19 -34.56
C LYS B 46 -4.94 16.27 -35.17
N SER B 47 -4.92 16.10 -36.48
CA SER B 47 -5.94 15.26 -37.14
C SER B 47 -5.44 14.67 -38.45
N GLU B 48 -6.18 13.70 -38.97
CA GLU B 48 -5.93 13.15 -40.31
C GLU B 48 -5.95 14.20 -41.38
N GLU B 49 -6.91 15.09 -41.31
CA GLU B 49 -7.06 16.11 -42.31
C GLU B 49 -5.82 16.99 -42.39
N GLU B 50 -5.27 17.39 -41.26
CA GLU B 50 -3.99 18.12 -41.26
C GLU B 50 -2.85 17.26 -41.84
N LEU B 51 -2.85 15.97 -41.54
CA LEU B 51 -1.82 15.05 -41.98
C LEU B 51 -1.83 14.90 -43.50
N TYR B 52 -3.01 14.59 -44.06
CA TYR B 52 -3.11 14.45 -45.52
C TYR B 52 -2.76 15.75 -46.24
N LYS B 53 -3.22 16.87 -45.72
CA LYS B 53 -2.95 18.19 -46.30
C LYS B 53 -1.45 18.49 -46.31
N LEU B 54 -0.80 18.38 -45.18
CA LEU B 54 0.60 18.67 -45.11
C LEU B 54 1.39 17.72 -46.02
N ALA B 55 1.06 16.43 -46.01
CA ALA B 55 1.70 15.43 -46.87
C ALA B 55 1.66 15.77 -48.34
N GLU B 56 0.49 16.18 -48.85
CA GLU B 56 0.39 16.59 -50.25
C GLU B 56 1.22 17.86 -50.53
N LYS B 57 1.27 18.79 -49.59
CA LYS B 57 2.14 19.95 -49.73
C LYS B 57 3.62 19.54 -49.79
N LEU B 58 3.98 18.46 -49.11
CA LEU B 58 5.36 17.96 -49.15
C LEU B 58 5.66 16.89 -50.20
N ASN B 59 4.69 16.56 -51.06
CA ASN B 59 4.82 15.43 -51.99
C ASN B 59 5.13 14.11 -51.31
N ILE B 60 4.31 13.78 -50.34
CA ILE B 60 4.40 12.50 -49.68
C ILE B 60 3.05 11.85 -49.78
N LYS B 61 3.06 10.59 -50.20
CA LYS B 61 1.86 9.80 -50.21
C LYS B 61 1.84 9.00 -48.94
N ILE B 62 0.64 8.93 -48.38
CA ILE B 62 0.42 8.26 -47.14
C ILE B 62 -0.44 7.04 -47.37
N ILE B 63 -0.08 5.95 -46.72
CA ILE B 63 -0.91 4.78 -46.65
C ILE B 63 -1.04 4.46 -45.20
N ILE B 64 -2.27 4.42 -44.74
CA ILE B 64 -2.58 4.09 -43.36
C ILE B 64 -3.16 2.71 -43.40
N GLU B 65 -2.68 1.83 -42.54
CA GLU B 65 -3.23 0.48 -42.43
C GLU B 65 -3.47 0.15 -40.96
N ASP B 66 -4.69 -0.31 -40.69
CA ASP B 66 -5.20 -0.55 -39.37
C ASP B 66 -5.42 -2.03 -39.11
N ASP B 67 -4.81 -2.88 -39.91
CA ASP B 67 -4.92 -4.34 -39.69
C ASP B 67 -3.78 -4.94 -38.84
N ARG B 68 -2.79 -4.12 -38.52
CA ARG B 68 -1.72 -4.54 -37.63
C ARG B 68 -2.15 -4.79 -36.15
N GLU B 69 -2.37 -6.02 -35.72
CA GLU B 69 -2.51 -6.24 -34.24
C GLU B 69 -1.14 -5.98 -33.60
N LYS B 70 -1.11 -5.17 -32.56
CA LYS B 70 0.13 -4.81 -31.88
C LYS B 70 0.20 -5.45 -30.54
N VAL B 71 -0.92 -5.92 -30.01
CA VAL B 71 -0.92 -6.58 -28.71
C VAL B 71 -1.62 -7.88 -28.91
N ARG B 72 -1.22 -8.92 -28.15
CA ARG B 72 -1.84 -10.23 -28.22
C ARG B 72 -1.86 -10.81 -26.86
N LYS B 73 -2.66 -11.83 -26.75
CA LYS B 73 -2.75 -12.63 -25.60
C LYS B 73 -2.18 -13.97 -26.04
N ILE B 74 -1.06 -14.38 -25.45
CA ILE B 74 -0.42 -15.62 -25.78
C ILE B 74 -1.06 -16.81 -25.07
N SER B 75 -1.61 -16.58 -23.89
CA SER B 75 -2.20 -17.62 -23.07
C SER B 75 -3.04 -16.95 -21.95
N ASP B 76 -3.59 -17.80 -21.07
CA ASP B 76 -4.14 -17.43 -19.76
C ASP B 76 -3.26 -16.59 -18.87
N SER B 77 -1.95 -16.62 -19.10
CA SER B 77 -1.02 -16.02 -18.18
C SER B 77 -0.07 -14.97 -18.77
N VAL B 78 -0.08 -14.79 -20.10
CA VAL B 78 0.84 -13.89 -20.74
C VAL B 78 0.21 -13.05 -21.86
N VAL B 79 0.39 -11.73 -21.77
CA VAL B 79 0.06 -10.80 -22.81
C VAL B 79 1.33 -10.17 -23.32
N CYS B 80 1.32 -9.64 -24.54
CA CYS B 80 2.43 -8.93 -25.08
C CYS B 80 2.04 -7.95 -26.14
N GLY B 81 2.98 -7.08 -26.41
CA GLY B 81 2.80 -6.02 -27.36
C GLY B 81 4.12 -5.74 -28.02
N GLU B 82 4.05 -5.03 -29.16
CA GLU B 82 5.25 -4.77 -29.95
C GLU B 82 5.15 -3.45 -30.64
N VAL B 83 6.23 -2.71 -30.58
CA VAL B 83 6.43 -1.65 -31.49
C VAL B 83 7.61 -2.03 -32.38
N ARG B 84 7.62 -1.54 -33.61
CA ARG B 84 8.72 -1.83 -34.54
C ARG B 84 8.94 -0.84 -35.67
N SER B 85 10.17 -0.88 -36.17
CA SER B 85 10.58 -0.11 -37.31
C SER B 85 11.27 -1.08 -38.26
N LEU B 86 10.65 -1.30 -39.40
CA LEU B 86 11.28 -2.09 -40.47
C LEU B 86 11.86 -1.12 -41.50
N GLY B 87 13.18 -1.03 -41.55
CA GLY B 87 13.87 -0.22 -42.58
C GLY B 87 15.00 -1.06 -43.13
N ILE B 88 16.19 -0.51 -43.20
CA ILE B 88 17.35 -1.32 -43.55
C ILE B 88 17.55 -2.40 -42.46
N ASP B 89 17.26 -2.02 -41.22
CA ASP B 89 17.32 -2.92 -40.10
C ASP B 89 15.90 -3.16 -39.60
N ALA B 90 15.65 -4.36 -39.10
CA ALA B 90 14.39 -4.68 -38.44
C ALA B 90 14.48 -4.43 -36.92
N LYS B 91 13.96 -3.28 -36.46
CA LYS B 91 14.02 -2.90 -35.01
C LYS B 91 12.71 -3.16 -34.30
N ARG B 92 12.77 -3.89 -33.20
CA ARG B 92 11.59 -4.17 -32.43
C ARG B 92 11.82 -3.97 -30.93
N ARG B 93 10.77 -3.52 -30.24
CA ARG B 93 10.72 -3.51 -28.81
C ARG B 93 9.42 -4.19 -28.44
N ARG B 94 9.53 -5.31 -27.73
CA ARG B 94 8.39 -6.09 -27.27
C ARG B 94 8.26 -6.00 -25.75
N VAL B 95 7.02 -5.97 -25.27
CA VAL B 95 6.71 -6.03 -23.86
C VAL B 95 5.86 -7.28 -23.63
N TYR B 96 6.20 -8.03 -22.60
CA TYR B 96 5.50 -9.25 -22.26
C TYR B 96 5.13 -9.07 -20.83
N ALA B 97 4.01 -9.61 -20.41
CA ALA B 97 3.64 -9.44 -19.01
C ALA B 97 2.79 -10.55 -18.57
N THR B 98 2.90 -10.81 -17.27
CA THR B 98 2.10 -11.84 -16.60
C THR B 98 1.73 -11.24 -15.24
N LYS B 99 0.98 -11.96 -14.42
CA LYS B 99 0.84 -11.53 -13.05
C LYS B 99 2.21 -11.26 -12.37
N GLY B 100 2.42 -10.02 -11.90
CA GLY B 100 3.57 -9.66 -11.06
C GLY B 100 4.87 -9.44 -11.78
N LYS B 101 4.89 -9.63 -13.09
CA LYS B 101 6.15 -9.57 -13.84
C LYS B 101 5.95 -9.06 -15.26
N CYS B 102 6.99 -8.45 -15.78
CA CYS B 102 6.99 -7.84 -17.05
C CYS B 102 8.38 -7.96 -17.63
N ALA B 103 8.48 -8.07 -18.94
CA ALA B 103 9.76 -8.06 -19.60
C ALA B 103 9.70 -7.11 -20.82
N ILE B 104 10.81 -6.43 -21.11
CA ILE B 104 10.94 -5.62 -22.26
C ILE B 104 12.14 -6.19 -23.00
N VAL B 105 11.95 -6.49 -24.29
CA VAL B 105 13.02 -7.01 -25.11
C VAL B 105 13.17 -6.20 -26.39
N ASP B 106 14.41 -5.82 -26.67
CA ASP B 106 14.78 -5.06 -27.84
C ASP B 106 15.49 -6.00 -28.77
N ILE B 107 15.10 -5.94 -30.04
CA ILE B 107 15.66 -6.81 -31.06
C ILE B 107 16.03 -6.01 -32.26
N LEU B 108 17.25 -6.22 -32.73
CA LEU B 108 17.75 -5.67 -33.98
C LEU B 108 18.03 -6.85 -34.88
N ASN B 109 17.18 -7.00 -35.89
CA ASN B 109 17.26 -8.07 -36.89
C ASN B 109 17.12 -9.39 -36.18
N ASP B 110 18.17 -10.17 -36.05
CA ASP B 110 18.10 -11.46 -35.38
C ASP B 110 18.72 -11.53 -33.99
N THR B 111 18.99 -10.37 -33.40
CA THR B 111 19.74 -10.33 -32.13
C THR B 111 18.95 -9.58 -31.08
N VAL B 112 18.73 -10.24 -29.96
CA VAL B 112 18.31 -9.58 -28.76
C VAL B 112 19.44 -8.67 -28.24
N THR B 113 19.23 -7.33 -28.29
CA THR B 113 20.24 -6.36 -27.84
C THR B 113 20.02 -5.88 -26.42
N ASN B 114 18.79 -5.92 -25.91
CA ASN B 114 18.50 -5.47 -24.56
C ASN B 114 17.39 -6.23 -24.06
N GLN B 115 17.47 -6.53 -22.77
CA GLN B 115 16.34 -7.09 -22.08
C GLN B 115 16.24 -6.54 -20.71
N THR B 116 15.00 -6.49 -20.25
CA THR B 116 14.65 -5.92 -18.98
C THR B 116 13.60 -6.87 -18.40
N ILE B 117 13.83 -7.34 -17.17
CA ILE B 117 12.78 -8.07 -16.47
C ILE B 117 12.41 -7.34 -15.17
N LYS B 118 11.12 -7.14 -14.96
CA LYS B 118 10.58 -6.38 -13.84
C LYS B 118 9.69 -7.28 -13.03
N GLU B 119 9.87 -7.27 -11.70
CA GLU B 119 8.93 -7.91 -10.81
C GLU B 119 8.37 -6.98 -9.79
N GLY B 120 7.08 -7.10 -9.54
CA GLY B 120 6.40 -6.29 -8.55
C GLY B 120 5.19 -5.71 -9.19
N PHE B 121 5.20 -4.43 -9.45
CA PHE B 121 4.03 -3.81 -10.06
C PHE B 121 4.49 -2.57 -10.76
N GLY B 122 3.88 -2.27 -11.90
CA GLY B 122 4.16 -1.04 -12.62
C GLY B 122 3.41 -0.92 -13.96
N ILE B 123 3.87 0.05 -14.73
CA ILE B 123 3.32 0.34 -16.02
C ILE B 123 4.43 0.60 -16.98
N VAL B 124 4.27 0.06 -18.17
CA VAL B 124 5.12 0.35 -19.30
C VAL B 124 4.24 1.01 -20.38
N VAL B 125 4.66 2.19 -20.83
CA VAL B 125 4.11 2.88 -21.97
C VAL B 125 5.13 2.97 -23.15
N LEU B 126 4.76 2.37 -24.29
CA LEU B 126 5.47 2.41 -25.57
C LEU B 126 4.65 3.30 -26.62
N GLY B 127 5.32 4.13 -27.39
CA GLY B 127 4.67 4.92 -28.44
C GLY B 127 5.41 6.17 -28.80
N ASN B 128 4.83 7.03 -29.65
CA ASN B 128 5.42 8.35 -29.96
C ASN B 128 5.46 9.26 -28.72
N ARG B 129 6.32 10.26 -28.77
CA ARG B 129 6.51 11.18 -27.66
C ARG B 129 5.25 11.80 -27.17
N PHE B 130 4.38 12.21 -28.09
CA PHE B 130 3.20 12.96 -27.72
C PHE B 130 2.26 12.05 -27.02
N LEU B 131 2.00 10.90 -27.59
CA LEU B 131 1.00 10.04 -26.97
C LEU B 131 1.57 9.44 -25.70
N LYS B 132 2.88 9.11 -25.71
CA LYS B 132 3.54 8.59 -24.51
C LYS B 132 3.33 9.56 -23.37
N LYS B 133 3.60 10.83 -23.62
CA LYS B 133 3.52 11.80 -22.57
C LYS B 133 2.10 11.97 -22.08
N LYS B 134 1.15 12.03 -23.00
CA LYS B 134 -0.26 12.22 -22.61
C LYS B 134 -0.79 11.01 -21.85
N ALA B 135 -0.48 9.80 -22.30
CA ALA B 135 -0.90 8.62 -21.59
C ALA B 135 -0.29 8.62 -20.15
N GLU B 136 0.99 8.95 -20.03
CA GLU B 136 1.62 9.05 -18.70
C GLU B 136 0.91 10.06 -17.84
N GLU B 137 0.52 11.17 -18.45
CA GLU B 137 -0.18 12.24 -17.74
C GLU B 137 -1.55 11.74 -17.28
N GLU B 138 -2.31 11.15 -18.19
CA GLU B 138 -3.57 10.54 -17.83
C GLU B 138 -3.38 9.43 -16.75
N LEU B 139 -2.33 8.62 -16.89
CA LEU B 139 -2.09 7.55 -15.95
C LEU B 139 -1.80 8.01 -14.51
N LYS B 140 -1.22 9.18 -14.35
CA LYS B 140 -0.77 9.60 -13.04
C LYS B 140 -1.95 9.75 -12.10
N ARG B 141 -3.12 9.94 -12.67
CA ARG B 141 -4.34 10.00 -11.90
C ARG B 141 -4.92 8.66 -11.41
N THR B 142 -4.64 7.53 -12.06
CA THR B 142 -5.19 6.25 -11.58
C THR B 142 -4.11 5.22 -11.26
N ALA B 143 -2.91 5.39 -11.80
CA ALA B 143 -1.93 4.31 -11.81
C ALA B 143 -1.54 3.85 -10.41
N LYS B 144 -1.53 4.77 -9.48
CA LYS B 144 -1.27 4.39 -8.07
C LYS B 144 -2.28 3.37 -7.55
N LEU B 145 -3.51 3.47 -8.01
CA LEU B 145 -4.58 2.66 -7.47
C LEU B 145 -4.60 1.27 -8.05
N PHE B 146 -3.98 1.08 -9.19
CA PHE B 146 -4.14 -0.17 -9.95
C PHE B 146 -3.93 -1.48 -9.17
N PRO B 147 -2.89 -1.53 -8.32
CA PRO B 147 -2.67 -2.75 -7.50
C PRO B 147 -3.81 -3.13 -6.57
N MET B 148 -4.61 -2.17 -6.19
CA MET B 148 -5.77 -2.43 -5.35
C MET B 148 -7.08 -2.64 -6.11
N MET B 149 -7.08 -2.48 -7.42
CA MET B 149 -8.31 -2.53 -8.21
C MET B 149 -8.54 -3.96 -8.74
N PRO B 150 -9.77 -4.37 -8.88
CA PRO B 150 -10.00 -5.49 -9.78
C PRO B 150 -9.51 -5.24 -11.23
N ILE B 151 -9.22 -6.33 -11.92
CA ILE B 151 -8.65 -6.29 -13.25
C ILE B 151 -9.52 -5.55 -14.21
N GLN B 152 -10.83 -5.75 -14.12
CA GLN B 152 -11.72 -5.11 -15.02
C GLN B 152 -11.69 -3.59 -14.93
N GLN B 153 -11.38 -3.06 -13.73
CA GLN B 153 -11.30 -1.63 -13.54
C GLN B 153 -10.05 -1.12 -14.20
N ILE B 154 -9.01 -1.89 -14.17
CA ILE B 154 -7.79 -1.47 -14.78
C ILE B 154 -7.97 -1.48 -16.30
N GLU B 155 -8.63 -2.51 -16.83
CA GLU B 155 -8.99 -2.57 -18.25
C GLU B 155 -9.73 -1.30 -18.61
N ASP B 156 -10.73 -0.95 -17.81
CA ASP B 156 -11.55 0.27 -18.03
C ASP B 156 -10.74 1.56 -17.97
N ALA B 157 -9.81 1.66 -17.02
CA ALA B 157 -8.94 2.80 -16.90
C ALA B 157 -8.04 2.91 -18.15
N ILE B 158 -7.59 1.79 -18.66
CA ILE B 158 -6.76 1.84 -19.84
C ILE B 158 -7.59 2.11 -21.09
N LYS B 159 -8.79 1.58 -21.16
CA LYS B 159 -9.69 1.93 -22.27
C LYS B 159 -9.97 3.43 -22.30
N GLU B 160 -10.26 4.01 -21.16
CA GLU B 160 -10.57 5.42 -21.02
C GLU B 160 -9.46 6.25 -21.61
N ILE B 161 -8.22 5.85 -21.38
CA ILE B 161 -7.09 6.57 -21.95
C ILE B 161 -7.07 6.48 -23.46
N PHE B 162 -7.27 5.28 -23.99
CA PHE B 162 -7.38 5.07 -25.42
C PHE B 162 -8.58 5.81 -26.01
N GLU B 163 -9.70 5.91 -25.28
CA GLU B 163 -10.83 6.73 -25.74
C GLU B 163 -10.49 8.22 -25.78
N LYS B 164 -9.76 8.72 -24.78
CA LYS B 164 -9.37 10.12 -24.76
C LYS B 164 -8.32 10.45 -25.83
N LEU B 165 -7.49 9.50 -26.21
CA LEU B 165 -6.38 9.79 -27.15
C LEU B 165 -6.55 9.34 -28.61
N LYS B 166 -7.57 8.54 -28.90
CA LYS B 166 -7.73 7.98 -30.23
C LYS B 166 -8.12 8.97 -31.31
N TRP B 167 -8.48 10.19 -30.96
CA TRP B 167 -8.63 11.23 -31.98
C TRP B 167 -7.29 11.40 -32.70
N HIS B 168 -6.17 11.05 -32.05
CA HIS B 168 -4.86 11.32 -32.62
C HIS B 168 -4.66 10.48 -33.85
N PRO B 169 -4.10 11.09 -34.90
CA PRO B 169 -3.99 10.41 -36.18
C PRO B 169 -2.97 9.27 -36.27
N THR B 170 -2.19 9.03 -35.24
CA THR B 170 -1.35 7.82 -35.24
C THR B 170 -2.05 6.63 -34.68
N VAL B 171 -3.29 6.80 -34.26
CA VAL B 171 -4.03 5.76 -33.60
C VAL B 171 -5.16 5.28 -34.52
N SER B 172 -5.39 3.96 -34.56
CA SER B 172 -6.54 3.45 -35.30
C SER B 172 -7.87 3.75 -34.58
N LYS B 173 -8.96 3.44 -35.26
CA LYS B 173 -10.32 3.59 -34.75
C LYS B 173 -10.51 2.62 -33.61
N GLU B 174 -9.91 1.44 -33.76
CA GLU B 174 -10.08 0.31 -32.88
C GLU B 174 -8.80 -0.08 -32.22
N TYR B 175 -8.94 -0.57 -31.00
CA TYR B 175 -7.85 -0.86 -30.18
C TYR B 175 -8.23 -2.11 -29.45
N ASP B 176 -7.23 -2.83 -28.93
CA ASP B 176 -7.41 -4.13 -28.31
C ASP B 176 -6.88 -4.06 -26.86
N ILE B 177 -7.62 -4.69 -25.95
CA ILE B 177 -7.28 -4.77 -24.55
C ILE B 177 -7.34 -6.20 -24.17
N TYR B 178 -6.30 -6.67 -23.55
CA TYR B 178 -6.25 -8.00 -23.05
C TYR B 178 -5.70 -8.00 -21.63
N SER B 179 -6.20 -8.95 -20.83
CA SER B 179 -5.71 -9.11 -19.50
C SER B 179 -5.61 -10.53 -19.14
N VAL B 180 -4.77 -10.78 -18.17
CA VAL B 180 -4.64 -12.09 -17.65
C VAL B 180 -4.56 -11.97 -16.15
N ASN B 181 -4.93 -13.05 -15.44
CA ASN B 181 -4.91 -13.02 -14.00
C ASN B 181 -4.27 -14.24 -13.44
N LYS B 182 -3.40 -14.88 -14.22
CA LYS B 182 -2.65 -16.02 -13.72
C LYS B 182 -1.21 -15.78 -13.88
N TYR B 183 -0.43 -16.44 -13.05
CA TYR B 183 1.00 -16.27 -13.04
C TYR B 183 1.61 -17.31 -13.96
N GLU B 184 2.52 -16.89 -14.83
CA GLU B 184 3.20 -17.81 -15.72
C GLU B 184 4.48 -18.21 -15.06
N LYS B 185 4.61 -19.49 -14.73
CA LYS B 185 5.76 -20.02 -14.00
C LYS B 185 7.00 -20.11 -14.89
N ASN B 186 6.78 -20.25 -16.20
CA ASN B 186 7.88 -20.34 -17.16
C ASN B 186 7.90 -19.13 -18.08
N PHE B 187 7.87 -17.96 -17.47
CA PHE B 187 7.66 -16.72 -18.17
C PHE B 187 8.78 -16.52 -19.18
N GLU B 188 10.01 -16.70 -18.72
CA GLU B 188 11.19 -16.53 -19.58
C GLU B 188 11.22 -17.50 -20.76
N GLU B 189 10.79 -18.74 -20.54
CA GLU B 189 10.69 -19.74 -21.59
C GLU B 189 9.66 -19.34 -22.62
N VAL B 190 8.48 -18.92 -22.16
CA VAL B 190 7.44 -18.45 -23.04
C VAL B 190 7.94 -17.30 -23.91
N ILE B 191 8.63 -16.35 -23.31
CA ILE B 191 9.19 -15.24 -24.06
C ILE B 191 10.24 -15.74 -25.06
N LYS B 192 11.09 -16.67 -24.61
CA LYS B 192 12.10 -17.27 -25.45
C LYS B 192 11.48 -17.97 -26.66
N LYS B 193 10.47 -18.80 -26.44
CA LYS B 193 9.79 -19.46 -27.51
C LYS B 193 9.14 -18.45 -28.49
N ASP B 194 8.48 -17.44 -27.99
CA ASP B 194 7.92 -16.42 -28.84
C ASP B 194 8.98 -15.75 -29.74
N ILE B 195 10.14 -15.49 -29.18
CA ILE B 195 11.16 -14.78 -29.90
C ILE B 195 11.82 -15.69 -30.94
N GLU B 196 12.06 -16.93 -30.58
CA GLU B 196 12.49 -17.94 -31.52
C GLU B 196 11.57 -18.02 -32.73
N SER B 197 10.26 -17.98 -32.51
CA SER B 197 9.30 -17.98 -33.63
C SER B 197 9.48 -16.82 -34.60
N LEU B 198 9.78 -15.64 -34.07
CA LEU B 198 10.18 -14.52 -34.88
C LEU B 198 11.45 -14.90 -35.67
N PHE B 199 12.44 -15.51 -35.01
CA PHE B 199 13.66 -15.85 -35.72
C PHE B 199 13.44 -16.97 -36.70
N LYS B 200 12.55 -17.91 -36.44
CA LYS B 200 12.21 -18.93 -37.46
C LYS B 200 11.60 -18.31 -38.67
N TYR B 201 10.66 -17.42 -38.45
CA TYR B 201 10.02 -16.75 -39.55
C TYR B 201 11.05 -16.00 -40.40
N ARG B 202 11.94 -15.27 -39.73
CA ARG B 202 12.98 -14.50 -40.46
C ARG B 202 13.99 -15.39 -41.17
N GLU B 203 14.26 -16.54 -40.59
CA GLU B 203 15.17 -17.49 -41.18
C GLU B 203 14.55 -18.11 -42.45
N GLN B 204 13.25 -18.39 -42.42
CA GLN B 204 12.52 -18.81 -43.61
C GLN B 204 12.61 -17.78 -44.73
N LEU B 205 12.42 -16.51 -44.42
CA LEU B 205 12.54 -15.50 -45.48
C LEU B 205 13.96 -15.50 -46.00
N ARG B 206 14.90 -15.63 -45.07
CA ARG B 206 16.29 -15.66 -45.45
C ARG B 206 16.54 -16.81 -46.42
N LYS B 207 16.06 -18.01 -46.09
CA LYS B 207 16.23 -19.16 -46.95
C LYS B 207 15.66 -18.92 -48.35
N GLN B 208 14.45 -18.35 -48.44
CA GLN B 208 13.88 -17.98 -49.74
C GLN B 208 14.78 -17.03 -50.50
N LEU B 209 15.37 -16.06 -49.83
CA LEU B 209 16.25 -15.15 -50.54
C LEU B 209 17.57 -15.79 -50.96
N ILE B 210 18.10 -16.66 -50.11
CA ILE B 210 19.35 -17.34 -50.40
C ILE B 210 19.16 -18.20 -51.63
N ASP B 211 18.03 -18.90 -51.67
CA ASP B 211 17.67 -19.76 -52.78
C ASP B 211 17.47 -18.99 -54.07
N PHE B 212 16.84 -17.82 -53.99
CA PHE B 212 16.74 -16.94 -55.14
C PHE B 212 18.14 -16.53 -55.63
N GLY B 213 19.06 -16.23 -54.72
CA GLY B 213 20.43 -15.88 -55.11
C GLY B 213 21.24 -17.01 -55.75
N LYS B 214 21.08 -18.23 -55.25
CA LYS B 214 21.71 -19.38 -55.87
C LYS B 214 21.18 -19.60 -57.29
N VAL B 215 19.88 -19.42 -57.46
CA VAL B 215 19.26 -19.56 -58.76
C VAL B 215 19.79 -18.47 -59.68
N MET B 216 19.81 -17.23 -59.23
CA MET B 216 20.37 -16.15 -60.05
C MET B 216 21.82 -16.40 -60.40
N SER B 217 22.58 -16.92 -59.44
CA SER B 217 23.99 -17.24 -59.64
C SER B 217 24.23 -18.39 -60.67
N ILE B 218 23.34 -19.36 -60.69
CA ILE B 218 23.31 -20.37 -61.72
C ILE B 218 22.95 -19.75 -63.07
N VAL B 219 21.95 -18.88 -63.10
CA VAL B 219 21.55 -18.22 -64.35
C VAL B 219 22.64 -17.35 -64.96
N ASN B 220 23.40 -16.64 -64.13
CA ASN B 220 24.51 -15.84 -64.66
C ASN B 220 25.72 -16.67 -65.08
N LYS B 221 25.75 -17.94 -64.67
CA LYS B 221 26.86 -18.81 -65.06
C LYS B 221 26.57 -19.65 -66.31
N ILE B 222 25.36 -19.53 -66.87
CA ILE B 222 25.03 -20.29 -68.10
C ILE B 222 26.04 -19.96 -69.19
N VAL B 223 26.48 -20.99 -69.91
CA VAL B 223 27.49 -20.81 -70.97
C VAL B 223 26.84 -20.25 -72.23
N LYS B 224 27.33 -19.09 -72.66
CA LYS B 224 26.95 -18.48 -73.94
C LYS B 224 27.96 -18.82 -75.03
N ASN B 225 29.22 -19.03 -74.62
CA ASN B 225 30.31 -19.29 -75.54
C ASN B 225 31.35 -20.18 -74.91
N GLY B 226 31.66 -21.27 -75.60
CA GLY B 226 32.72 -22.16 -75.16
C GLY B 226 32.79 -23.42 -75.99
N GLU B 227 34.00 -23.98 -76.06
CA GLU B 227 34.22 -25.34 -76.52
C GLU B 227 34.08 -26.21 -75.27
N ILE B 228 32.94 -26.92 -75.15
CA ILE B 228 32.50 -27.45 -73.84
C ILE B 228 32.76 -28.93 -73.61
N GLY B 229 32.95 -29.69 -74.69
CA GLY B 229 33.26 -31.11 -74.53
C GLY B 229 33.23 -31.92 -75.83
N VAL B 230 33.22 -33.23 -75.69
CA VAL B 230 33.44 -34.17 -76.79
C VAL B 230 32.40 -35.24 -76.76
N ILE B 231 31.87 -35.63 -77.91
CA ILE B 231 30.87 -36.72 -77.99
C ILE B 231 31.45 -38.13 -77.79
N LYS B 232 30.82 -38.93 -76.93
CA LYS B 232 31.06 -40.37 -76.92
C LYS B 232 29.79 -41.16 -76.62
N ASP B 233 29.51 -42.21 -77.40
CA ASP B 233 28.37 -43.17 -77.18
C ASP B 233 27.11 -42.37 -76.93
N GLY B 234 26.95 -41.36 -77.78
CA GLY B 234 25.84 -40.47 -77.78
C GLY B 234 25.72 -39.53 -76.57
N LYS B 235 26.84 -39.31 -75.87
CA LYS B 235 26.84 -38.41 -74.77
C LYS B 235 27.94 -37.35 -74.84
N LEU B 236 27.64 -36.20 -74.28
CA LEU B 236 28.59 -35.10 -74.16
C LEU B 236 29.37 -35.24 -72.86
N HIS B 237 30.65 -35.53 -72.97
CA HIS B 237 31.53 -35.61 -71.79
C HIS B 237 32.13 -34.23 -71.69
N LEU B 238 31.69 -33.47 -70.69
CA LEU B 238 32.07 -32.07 -70.56
C LEU B 238 33.50 -31.97 -70.10
N TYR B 239 34.20 -30.98 -70.62
CA TYR B 239 35.50 -30.61 -70.13
C TYR B 239 35.42 -30.11 -68.73
N ASP B 240 36.58 -30.03 -68.11
CA ASP B 240 36.73 -29.68 -66.69
C ASP B 240 36.10 -28.35 -66.24
N ASP B 241 36.21 -27.31 -67.07
CA ASP B 241 35.61 -25.98 -66.78
C ASP B 241 34.11 -25.96 -66.76
N TYR B 242 33.45 -27.04 -67.16
CA TYR B 242 32.00 -27.05 -67.32
C TYR B 242 31.29 -28.14 -66.56
N ILE B 243 30.03 -27.85 -66.20
CA ILE B 243 29.19 -28.84 -65.60
C ILE B 243 27.78 -28.62 -66.08
N ALA B 244 26.97 -29.67 -65.98
CA ALA B 244 25.62 -29.59 -66.40
C ALA B 244 24.72 -29.72 -65.21
N ILE B 245 23.53 -29.13 -65.31
CA ILE B 245 22.52 -29.33 -64.29
C ILE B 245 21.23 -29.78 -64.98
N ASP B 246 20.40 -30.48 -64.22
CA ASP B 246 19.14 -31.03 -64.71
C ASP B 246 18.08 -29.97 -64.86
N LYS B 247 18.16 -28.89 -64.10
CA LYS B 247 17.18 -27.79 -64.21
C LYS B 247 17.67 -26.63 -63.40
N ILE B 248 17.08 -25.46 -63.66
CA ILE B 248 17.35 -24.29 -62.88
C ILE B 248 16.61 -24.48 -61.59
N ASP B 249 17.37 -24.52 -60.50
CA ASP B 249 16.86 -24.88 -59.19
C ASP B 249 17.94 -24.40 -58.19
N PRO B 250 17.55 -24.14 -56.92
CA PRO B 250 18.57 -23.75 -55.96
C PRO B 250 19.64 -24.81 -55.69
N ASN B 251 19.26 -26.08 -55.64
CA ASN B 251 20.22 -27.15 -55.48
C ASN B 251 19.96 -28.30 -56.49
N PRO B 252 20.45 -28.13 -57.73
CA PRO B 252 20.14 -29.08 -58.80
C PRO B 252 21.09 -30.30 -58.79
N LYS B 253 20.66 -31.41 -59.37
CA LYS B 253 21.58 -32.51 -59.66
C LYS B 253 22.60 -32.03 -60.69
N VAL B 254 23.86 -32.32 -60.47
CA VAL B 254 24.93 -31.92 -61.34
C VAL B 254 25.41 -33.11 -62.18
N PHE B 255 25.88 -32.85 -63.40
CA PHE B 255 26.37 -33.88 -64.28
C PHE B 255 27.58 -33.45 -65.04
N LYS B 256 28.53 -34.38 -65.22
CA LYS B 256 29.68 -34.18 -66.13
C LYS B 256 29.45 -34.82 -67.48
N VAL B 257 28.51 -35.74 -67.55
CA VAL B 257 28.21 -36.47 -68.76
C VAL B 257 26.74 -36.32 -69.06
N VAL B 258 26.46 -35.74 -70.24
CA VAL B 258 25.15 -35.20 -70.59
C VAL B 258 24.60 -35.84 -71.84
N ASP B 259 23.36 -36.29 -71.75
CA ASP B 259 22.64 -36.88 -72.87
C ASP B 259 22.30 -35.81 -73.89
N VAL B 260 22.64 -36.06 -75.15
CA VAL B 260 22.44 -35.12 -76.23
C VAL B 260 21.89 -35.82 -77.45
N GLU B 261 21.29 -35.03 -78.32
CA GLU B 261 20.72 -35.56 -79.57
C GLU B 261 21.11 -34.67 -80.73
N GLY B 262 21.24 -35.28 -81.91
CA GLY B 262 21.64 -34.60 -83.15
C GLY B 262 22.55 -35.45 -84.04
N ASN B 263 22.95 -34.90 -85.18
CA ASN B 263 23.77 -35.61 -86.17
C ASN B 263 25.25 -35.35 -85.93
N PHE B 264 25.86 -36.23 -85.14
CA PHE B 264 27.24 -36.10 -84.77
C PHE B 264 27.78 -37.50 -84.63
N LYS B 265 29.06 -37.61 -84.36
CA LYS B 265 29.67 -38.88 -84.05
C LYS B 265 30.70 -38.81 -82.97
N ASP B 266 31.16 -39.96 -82.55
CA ASP B 266 32.21 -40.05 -81.53
C ASP B 266 33.43 -39.22 -81.88
N GLY B 267 33.91 -38.46 -80.91
CA GLY B 267 35.02 -37.58 -81.10
C GLY B 267 34.66 -36.19 -81.53
N ASP B 268 33.45 -35.99 -82.04
CA ASP B 268 33.01 -34.63 -82.35
C ASP B 268 33.08 -33.73 -81.12
N ILE B 269 33.46 -32.47 -81.35
CA ILE B 269 33.64 -31.49 -80.30
C ILE B 269 32.39 -30.63 -80.27
N VAL B 270 31.81 -30.48 -79.09
CA VAL B 270 30.61 -29.69 -78.92
C VAL B 270 31.02 -28.29 -78.48
N VAL B 271 30.39 -27.30 -79.09
CA VAL B 271 30.58 -25.91 -78.78
C VAL B 271 29.25 -25.23 -78.53
N ILE B 272 29.31 -24.10 -77.83
CA ILE B 272 28.17 -23.20 -77.76
C ILE B 272 28.65 -21.86 -78.29
N GLU B 273 27.91 -21.27 -79.21
CA GLU B 273 28.14 -19.88 -79.58
C GLU B 273 26.83 -19.09 -79.58
N ASN B 274 26.85 -17.93 -78.92
CA ASN B 274 25.64 -17.15 -78.64
C ASN B 274 24.48 -17.95 -78.08
N GLY B 275 24.80 -18.90 -77.21
CA GLY B 275 23.79 -19.74 -76.61
C GLY B 275 23.28 -20.85 -77.50
N ASP B 276 23.87 -21.00 -78.68
CA ASP B 276 23.51 -22.07 -79.59
C ASP B 276 24.53 -23.17 -79.47
N MET B 277 24.04 -24.35 -79.14
CA MET B 277 24.86 -25.52 -78.99
C MET B 277 24.94 -26.28 -80.30
N LYS B 278 26.15 -26.50 -80.76
CA LYS B 278 26.36 -27.19 -82.01
C LYS B 278 27.62 -28.03 -82.00
N ILE B 279 27.85 -28.76 -83.10
CA ILE B 279 29.11 -29.46 -83.34
C ILE B 279 30.12 -28.53 -83.99
N LYS B 280 31.34 -28.51 -83.43
CA LYS B 280 32.43 -27.75 -83.98
C LYS B 280 32.73 -28.22 -85.39
N GLY B 281 32.86 -27.27 -86.31
CA GLY B 281 33.17 -27.60 -87.71
C GLY B 281 31.89 -27.85 -88.50
N THR B 282 31.20 -28.95 -88.19
CA THR B 282 29.95 -29.32 -88.87
C THR B 282 28.88 -28.26 -88.67
N ASN B 283 28.85 -27.65 -87.50
CA ASN B 283 27.84 -26.64 -87.18
C ASN B 283 26.44 -27.25 -87.04
N GLU B 284 26.42 -28.57 -86.82
CA GLU B 284 25.17 -29.30 -86.69
C GLU B 284 24.61 -29.09 -85.27
N LYS B 285 23.28 -29.07 -85.18
CA LYS B 285 22.60 -28.67 -83.97
C LYS B 285 22.63 -29.77 -82.89
N VAL B 286 22.92 -29.38 -81.65
CA VAL B 286 22.94 -30.33 -80.52
C VAL B 286 21.94 -29.91 -79.48
N THR B 287 20.99 -30.79 -79.22
CA THR B 287 19.94 -30.51 -78.29
C THR B 287 20.15 -31.39 -77.05
N THR B 288 19.74 -30.82 -75.92
CA THR B 288 19.83 -31.50 -74.66
C THR B 288 18.78 -30.92 -73.77
N LYS B 289 18.38 -31.68 -72.78
CA LYS B 289 17.46 -31.18 -71.77
C LYS B 289 18.22 -30.43 -70.70
N TYR B 290 19.53 -30.62 -70.63
CA TYR B 290 20.31 -30.15 -69.47
C TYR B 290 20.70 -28.74 -69.73
N ILE B 291 21.13 -28.08 -68.71
CA ILE B 291 21.64 -26.76 -68.86
C ILE B 291 23.12 -26.81 -68.52
N ILE B 292 23.90 -26.17 -69.35
CA ILE B 292 25.32 -26.11 -69.21
C ILE B 292 25.71 -24.79 -68.59
N ILE B 293 26.59 -24.89 -67.59
CA ILE B 293 27.11 -23.75 -66.90
C ILE B 293 28.61 -23.84 -66.64
N HIS B 294 29.25 -22.67 -66.49
CA HIS B 294 30.65 -22.56 -66.07
C HIS B 294 30.74 -23.09 -64.66
N LYS B 295 31.72 -23.96 -64.47
CA LYS B 295 32.05 -24.50 -63.16
C LYS B 295 33.00 -23.45 -62.63
N GLY C 1 15.27 13.08 2.29
CA GLY C 1 16.80 13.07 2.20
C GLY C 1 17.42 13.43 0.82
N SER C 2 17.43 12.54 -0.15
CA SER C 2 18.08 12.82 -1.45
C SER C 2 17.35 12.24 -2.64
N MET C 3 16.57 13.10 -3.29
CA MET C 3 16.08 12.88 -4.64
C MET C 3 16.85 13.93 -5.42
N SER C 4 17.98 13.49 -5.94
CA SER C 4 18.91 14.43 -6.52
C SER C 4 19.30 13.90 -7.85
N LEU C 5 20.54 13.41 -8.07
CA LEU C 5 20.89 12.85 -9.37
C LEU C 5 21.94 11.72 -9.25
N ILE C 6 21.56 10.59 -9.83
CA ILE C 6 22.45 9.50 -10.08
C ILE C 6 22.36 9.09 -11.56
N ILE C 7 23.51 8.94 -12.20
CA ILE C 7 23.58 8.45 -13.55
C ILE C 7 24.42 7.20 -13.54
N CYS C 8 23.87 6.14 -14.12
CA CYS C 8 24.49 4.85 -14.21
C CYS C 8 24.47 4.27 -15.63
N TYR C 9 25.65 3.97 -16.15
CA TYR C 9 25.80 3.30 -17.44
C TYR C 9 26.22 1.87 -17.17
N TYR C 10 25.66 0.94 -17.97
CA TYR C 10 26.09 -0.45 -17.99
C TYR C 10 26.12 -0.88 -19.45
N GLY C 11 27.10 -1.69 -19.80
CA GLY C 11 27.31 -2.12 -21.14
C GLY C 11 28.39 -3.18 -21.17
N LYS C 12 28.82 -3.50 -22.36
CA LYS C 12 29.70 -4.64 -22.60
C LYS C 12 31.13 -4.34 -22.16
N ASN C 13 31.47 -3.06 -22.16
CA ASN C 13 32.74 -2.56 -21.70
C ASN C 13 32.76 -2.25 -20.20
N GLY C 14 31.66 -2.43 -19.49
CA GLY C 14 31.68 -2.24 -18.03
C GLY C 14 30.53 -1.38 -17.55
N ALA C 15 30.73 -0.71 -16.42
CA ALA C 15 29.70 0.13 -15.84
C ALA C 15 30.29 1.31 -15.11
N VAL C 16 29.52 2.39 -15.11
CA VAL C 16 29.97 3.66 -14.63
C VAL C 16 28.82 4.26 -13.93
N ILE C 17 29.11 4.79 -12.75
CA ILE C 17 28.11 5.46 -11.99
C ILE C 17 28.65 6.74 -11.39
N GLY C 18 27.81 7.76 -11.43
CA GLY C 18 28.11 9.03 -10.83
C GLY C 18 26.91 9.44 -9.97
N GLY C 19 27.23 10.09 -8.86
CA GLY C 19 26.24 10.70 -8.01
C GLY C 19 26.86 11.83 -7.20
N ASP C 20 26.04 12.80 -6.83
CA ASP C 20 26.49 13.94 -6.05
C ASP C 20 26.34 13.53 -4.62
N ARG C 21 26.41 14.51 -3.72
CA ARG C 21 26.47 14.21 -2.28
C ARG C 21 25.55 15.02 -1.44
N ARG C 22 24.61 15.72 -2.08
CA ARG C 22 23.75 16.62 -1.30
C ARG C 22 22.55 15.96 -0.68
N GLN C 23 22.38 16.29 0.59
CA GLN C 23 21.22 15.91 1.34
C GLN C 23 20.59 17.13 1.86
N ILE C 24 19.28 17.01 1.99
CA ILE C 24 18.51 18.02 2.55
C ILE C 24 17.65 17.38 3.63
N PHE C 25 17.76 17.90 4.84
CA PHE C 25 16.90 17.57 5.95
C PHE C 25 15.84 18.70 6.13
N PHE C 26 14.59 18.32 6.29
CA PHE C 26 13.46 19.21 6.50
C PHE C 26 12.88 18.92 7.88
N ARG C 27 12.57 19.96 8.64
CA ARG C 27 11.80 19.82 9.89
C ARG C 27 10.58 20.75 9.87
N GLY C 28 9.41 20.19 10.15
CA GLY C 28 8.18 20.95 10.19
C GLY C 28 7.05 20.03 9.74
N SER C 29 5.90 20.59 9.42
CA SER C 29 4.73 19.78 9.11
C SER C 29 4.95 18.92 7.90
N GLU C 30 4.46 17.69 7.98
CA GLU C 30 4.55 16.78 6.87
C GLU C 30 3.93 17.39 5.60
N GLU C 31 2.79 18.08 5.70
CA GLU C 31 2.15 18.58 4.49
C GLU C 31 2.95 19.73 3.85
N ASN C 32 3.45 20.64 4.65
CA ASN C 32 4.31 21.69 4.09
C ASN C 32 5.63 21.21 3.52
N ARG C 33 6.26 20.26 4.22
CA ARG C 33 7.37 19.54 3.67
C ARG C 33 7.11 19.09 2.24
N LYS C 34 5.95 18.46 2.03
CA LYS C 34 5.56 17.91 0.72
C LYS C 34 5.47 19.00 -0.36
N ILE C 35 4.90 20.15 0.00
CA ILE C 35 4.78 21.28 -0.92
C ILE C 35 6.16 21.78 -1.33
N LEU C 36 7.06 21.79 -0.36
CA LEU C 36 8.42 22.21 -0.60
C LEU C 36 9.13 21.25 -1.56
N GLU C 37 9.01 19.95 -1.29
CA GLU C 37 9.65 18.94 -2.14
C GLU C 37 9.14 18.95 -3.59
N GLU C 38 7.83 19.06 -3.79
CA GLU C 38 7.25 19.14 -5.14
C GLU C 38 7.85 20.28 -5.95
N LYS C 39 7.91 21.47 -5.37
CA LYS C 39 8.49 22.61 -6.09
C LYS C 39 10.01 22.46 -6.32
N LEU C 40 10.66 21.80 -5.38
CA LEU C 40 12.11 21.55 -5.47
C LEU C 40 12.39 20.58 -6.61
N TYR C 41 11.56 19.53 -6.71
CA TYR C 41 11.75 18.47 -7.67
C TYR C 41 11.11 18.69 -9.01
N SER C 42 10.31 19.73 -9.12
CA SER C 42 9.65 20.05 -10.38
C SER C 42 10.52 20.99 -11.24
N GLY C 43 11.49 21.66 -10.62
CA GLY C 43 12.30 22.68 -11.27
C GLY C 43 11.84 24.08 -10.97
N GLU C 44 10.75 24.23 -10.22
CA GLU C 44 10.25 25.56 -9.92
C GLU C 44 11.25 26.32 -9.07
N ILE C 45 11.93 25.61 -8.16
CA ILE C 45 12.92 26.24 -7.31
C ILE C 45 14.30 26.19 -7.94
N LYS C 46 14.79 27.36 -8.33
CA LYS C 46 15.96 27.49 -9.19
C LYS C 46 17.23 27.70 -8.41
N SER C 47 17.10 28.08 -7.13
CA SER C 47 18.27 28.39 -6.32
C SER C 47 18.04 28.17 -4.86
N GLU C 48 19.13 28.15 -4.12
CA GLU C 48 19.10 28.04 -2.68
C GLU C 48 18.35 29.16 -2.02
N GLU C 49 18.55 30.39 -2.49
CA GLU C 49 17.80 31.49 -1.87
C GLU C 49 16.32 31.25 -2.01
N GLU C 50 15.85 30.78 -3.16
CA GLU C 50 14.38 30.51 -3.32
C GLU C 50 13.91 29.42 -2.37
N LEU C 51 14.79 28.47 -2.15
CA LEU C 51 14.46 27.35 -1.28
C LEU C 51 14.35 27.78 0.17
N TYR C 52 15.33 28.51 0.66
CA TYR C 52 15.30 28.97 2.04
C TYR C 52 14.10 29.88 2.26
N LYS C 53 13.83 30.80 1.32
CA LYS C 53 12.72 31.77 1.48
C LYS C 53 11.43 30.99 1.57
N LEU C 54 11.18 30.13 0.61
CA LEU C 54 9.89 29.48 0.62
C LEU C 54 9.72 28.60 1.87
N ALA C 55 10.79 27.90 2.27
CA ALA C 55 10.80 27.14 3.53
C ALA C 55 10.40 27.94 4.74
N GLU C 56 10.99 29.13 4.92
CA GLU C 56 10.61 29.93 6.06
C GLU C 56 9.12 30.33 5.97
N LYS C 57 8.64 30.63 4.77
CA LYS C 57 7.25 31.01 4.62
C LYS C 57 6.36 29.84 4.96
N LEU C 58 6.82 28.63 4.74
CA LEU C 58 6.10 27.44 5.18
C LEU C 58 6.38 26.88 6.59
N ASN C 59 7.19 27.57 7.39
CA ASN C 59 7.68 27.02 8.66
C ASN C 59 8.33 25.68 8.55
N ILE C 60 9.31 25.62 7.67
CA ILE C 60 10.15 24.45 7.57
C ILE C 60 11.58 24.89 7.74
N LYS C 61 12.30 24.20 8.62
CA LYS C 61 13.72 24.41 8.78
C LYS C 61 14.44 23.43 7.87
N ILE C 62 15.46 23.95 7.19
CA ILE C 62 16.24 23.19 6.24
C ILE C 62 17.64 23.07 6.73
N ILE C 63 18.21 21.90 6.56
CA ILE C 63 19.60 21.70 6.70
C ILE C 63 20.04 21.01 5.42
N ILE C 64 21.07 21.57 4.80
CA ILE C 64 21.73 20.96 3.67
C ILE C 64 23.09 20.46 4.09
N GLU C 65 23.40 19.25 3.73
CA GLU C 65 24.69 18.66 4.02
C GLU C 65 25.19 17.96 2.76
N ASP C 66 26.46 18.21 2.45
CA ASP C 66 27.13 17.69 1.29
C ASP C 66 28.16 16.59 1.55
N ASP C 67 28.06 15.90 2.67
CA ASP C 67 28.95 14.78 2.98
C ASP C 67 28.37 13.38 2.68
N ARG C 68 27.13 13.31 2.26
CA ARG C 68 26.46 12.03 1.91
C ARG C 68 26.99 11.34 0.66
N GLU C 69 27.67 10.20 0.82
CA GLU C 69 27.96 9.38 -0.33
C GLU C 69 26.68 8.72 -0.82
N LYS C 70 26.40 8.85 -2.11
CA LYS C 70 25.23 8.22 -2.71
C LYS C 70 25.58 7.07 -3.62
N VAL C 71 26.83 6.99 -4.06
CA VAL C 71 27.27 5.93 -4.94
C VAL C 71 28.46 5.34 -4.30
N ARG C 72 28.66 4.04 -4.51
CA ARG C 72 29.85 3.36 -4.03
C ARG C 72 30.27 2.34 -5.09
N LYS C 73 31.43 1.85 -4.89
CA LYS C 73 31.96 0.75 -5.58
C LYS C 73 32.01 -0.40 -4.54
N ILE C 74 31.19 -1.43 -4.74
CA ILE C 74 31.14 -2.57 -3.82
C ILE C 74 32.29 -3.55 -4.03
N SER C 75 32.82 -3.59 -5.25
CA SER C 75 33.95 -4.47 -5.60
C SER C 75 34.52 -4.04 -6.97
N ASP C 76 35.43 -4.82 -7.46
CA ASP C 76 35.96 -4.73 -8.81
C ASP C 76 34.88 -4.91 -9.90
N SER C 77 33.70 -5.43 -9.53
CA SER C 77 32.68 -5.79 -10.52
C SER C 77 31.31 -5.18 -10.31
N VAL C 78 31.11 -4.48 -9.21
CA VAL C 78 29.78 -3.91 -8.90
C VAL C 78 29.81 -2.51 -8.32
N VAL C 79 29.13 -1.59 -9.01
CA VAL C 79 28.91 -0.26 -8.50
C VAL C 79 27.45 -0.13 -8.14
N CYS C 80 27.13 0.81 -7.27
CA CYS C 80 25.77 1.08 -6.89
C CYS C 80 25.57 2.47 -6.38
N GLY C 81 24.32 2.83 -6.33
CA GLY C 81 23.91 4.13 -5.93
C GLY C 81 22.52 4.04 -5.33
N GLU C 82 22.15 5.10 -4.63
CA GLU C 82 20.83 5.13 -3.99
C GLU C 82 20.27 6.53 -4.01
N VAL C 83 18.99 6.63 -4.29
CA VAL C 83 18.23 7.81 -3.84
C VAL C 83 17.31 7.36 -2.70
N ARG C 84 16.99 8.30 -1.82
CA ARG C 84 16.01 8.00 -0.79
C ARG C 84 15.22 9.19 -0.29
N SER C 85 14.11 8.87 0.37
CA SER C 85 13.33 9.80 1.13
C SER C 85 13.10 9.18 2.51
N LEU C 86 13.65 9.77 3.54
CA LEU C 86 13.35 9.39 4.93
C LEU C 86 12.35 10.36 5.56
N GLY C 87 11.13 9.89 5.79
CA GLY C 87 10.12 10.68 6.50
C GLY C 87 9.46 9.77 7.52
N ILE C 88 8.12 9.75 7.55
CA ILE C 88 7.42 8.70 8.27
C ILE C 88 7.79 7.31 7.71
N ASP C 89 7.95 7.22 6.39
CA ASP C 89 8.40 6.01 5.73
C ASP C 89 9.80 6.21 5.21
N ALA C 90 10.57 5.15 5.24
CA ALA C 90 11.88 5.13 4.62
C ALA C 90 11.78 4.60 3.15
N LYS C 91 11.76 5.52 2.17
CA LYS C 91 11.68 5.13 0.75
C LYS C 91 13.06 5.15 0.07
N ARG C 92 13.42 4.07 -0.60
CA ARG C 92 14.65 4.00 -1.32
C ARG C 92 14.46 3.41 -2.70
N ARG C 93 15.26 3.91 -3.64
CA ARG C 93 15.46 3.29 -4.90
C ARG C 93 16.99 3.13 -5.06
N ARG C 94 17.45 1.90 -5.21
CA ARG C 94 18.85 1.58 -5.46
C ARG C 94 19.08 1.04 -6.86
N VAL C 95 20.24 1.37 -7.42
CA VAL C 95 20.69 0.87 -8.71
C VAL C 95 22.04 0.19 -8.49
N TYR C 96 22.20 -0.98 -9.11
CA TYR C 96 23.43 -1.74 -8.99
C TYR C 96 23.81 -2.05 -10.40
N ALA C 97 25.08 -2.17 -10.69
CA ALA C 97 25.48 -2.46 -12.02
C ALA C 97 26.81 -3.13 -12.03
N THR C 98 26.98 -3.92 -13.07
CA THR C 98 28.19 -4.62 -13.36
C THR C 98 28.34 -4.59 -14.89
N LYS C 99 29.42 -5.16 -15.42
CA LYS C 99 29.52 -5.28 -16.87
C LYS C 99 28.28 -5.98 -17.45
N GLY C 100 27.58 -5.29 -18.36
CA GLY C 100 26.49 -5.88 -19.11
C GLY C 100 25.16 -6.03 -18.41
N LYS C 101 25.07 -5.65 -17.11
CA LYS C 101 23.84 -5.83 -16.30
C LYS C 101 23.64 -4.71 -15.31
N CYS C 102 22.38 -4.44 -15.05
CA CYS C 102 21.99 -3.45 -14.11
C CYS C 102 20.73 -3.94 -13.39
N ALA C 103 20.53 -3.51 -12.17
CA ALA C 103 19.32 -3.81 -11.43
C ALA C 103 18.82 -2.56 -10.72
N ILE C 104 17.53 -2.44 -10.60
CA ILE C 104 16.92 -1.33 -9.83
C ILE C 104 16.03 -1.97 -8.81
N VAL C 105 16.20 -1.57 -7.56
CA VAL C 105 15.38 -2.08 -6.47
C VAL C 105 14.75 -0.99 -5.66
N ASP C 106 13.44 -1.13 -5.43
CA ASP C 106 12.69 -0.18 -4.69
C ASP C 106 12.41 -0.79 -3.36
N ILE C 107 12.59 0.03 -2.28
CA ILE C 107 12.39 -0.42 -0.91
C ILE C 107 11.59 0.59 -0.09
N LEU C 108 10.52 0.12 0.55
CA LEU C 108 9.69 0.93 1.46
C LEU C 108 9.86 0.31 2.82
N ASN C 109 10.58 1.01 3.67
CA ASN C 109 10.90 0.55 5.04
C ASN C 109 11.67 -0.78 4.94
N ASP C 110 11.09 -1.89 5.36
CA ASP C 110 11.79 -3.18 5.31
C ASP C 110 11.31 -4.14 4.20
N THR C 111 10.63 -3.61 3.18
CA THR C 111 10.09 -4.43 2.06
C THR C 111 10.56 -3.97 0.68
N VAL C 112 11.19 -4.90 -0.05
CA VAL C 112 11.41 -4.74 -1.47
C VAL C 112 10.07 -4.73 -2.20
N THR C 113 9.68 -3.58 -2.74
CA THR C 113 8.41 -3.44 -3.41
C THR C 113 8.55 -3.60 -4.92
N ASN C 114 9.72 -3.37 -5.52
CA ASN C 114 9.90 -3.53 -6.98
C ASN C 114 11.26 -3.88 -7.24
N GLN C 115 11.44 -4.68 -8.27
CA GLN C 115 12.78 -4.91 -8.78
C GLN C 115 12.80 -5.04 -10.28
N THR C 116 13.93 -4.63 -10.85
CA THR C 116 14.12 -4.58 -12.28
C THR C 116 15.54 -5.13 -12.53
N ILE C 117 15.68 -6.09 -13.42
CA ILE C 117 17.01 -6.56 -13.88
C ILE C 117 17.14 -6.40 -15.40
N LYS C 118 18.23 -5.77 -15.81
CA LYS C 118 18.49 -5.36 -17.20
C LYS C 118 19.79 -5.98 -17.66
N GLU C 119 19.80 -6.56 -18.86
CA GLU C 119 21.03 -7.04 -19.49
C GLU C 119 21.19 -6.50 -20.87
N GLY C 120 22.42 -6.10 -21.18
CA GLY C 120 22.75 -5.56 -22.46
C GLY C 120 23.47 -4.26 -22.20
N PHE C 121 22.84 -3.15 -22.52
CA PHE C 121 23.52 -1.89 -22.38
C PHE C 121 22.47 -0.84 -22.22
N GLY C 122 22.77 0.17 -21.44
CA GLY C 122 21.88 1.26 -21.23
C GLY C 122 22.30 2.18 -20.12
N ILE C 123 21.36 3.04 -19.80
CA ILE C 123 21.59 4.09 -18.85
C ILE C 123 20.36 4.22 -17.98
N VAL C 124 20.62 4.33 -16.69
CA VAL C 124 19.65 4.59 -15.69
C VAL C 124 19.99 5.91 -15.02
N VAL C 125 18.97 6.74 -14.98
CA VAL C 125 19.01 8.00 -14.33
C VAL C 125 18.01 7.99 -13.21
N LEU C 126 18.51 8.23 -12.01
CA LEU C 126 17.70 8.43 -10.86
C LEU C 126 17.78 9.86 -10.44
N GLY C 127 16.63 10.43 -10.12
CA GLY C 127 16.61 11.72 -9.50
C GLY C 127 15.28 12.38 -9.65
N ASN C 128 15.23 13.63 -9.26
CA ASN C 128 13.99 14.35 -9.39
C ASN C 128 13.65 14.50 -10.88
N ARG C 129 12.39 14.72 -11.14
CA ARG C 129 11.90 14.89 -12.50
C ARG C 129 12.64 15.91 -13.32
N PHE C 130 13.00 17.03 -12.71
CA PHE C 130 13.66 18.09 -13.46
C PHE C 130 15.07 17.68 -13.82
N LEU C 131 15.83 17.17 -12.84
CA LEU C 131 17.21 16.81 -13.12
C LEU C 131 17.26 15.55 -14.00
N LYS C 132 16.32 14.63 -13.77
CA LYS C 132 16.21 13.43 -14.59
C LYS C 132 16.08 13.83 -16.04
N LYS C 133 15.15 14.74 -16.31
CA LYS C 133 14.90 15.10 -17.67
C LYS C 133 16.08 15.81 -18.32
N LYS C 134 16.71 16.73 -17.59
CA LYS C 134 17.87 17.44 -18.14
C LYS C 134 19.07 16.51 -18.37
N ALA C 135 19.34 15.59 -17.44
CA ALA C 135 20.41 14.62 -17.63
C ALA C 135 20.10 13.76 -18.85
N GLU C 136 18.88 13.26 -18.96
CA GLU C 136 18.48 12.50 -20.18
C GLU C 136 18.65 13.29 -21.46
N GLU C 137 18.33 14.58 -21.40
CA GLU C 137 18.52 15.45 -22.55
C GLU C 137 20.01 15.59 -22.89
N GLU C 138 20.84 15.88 -21.89
CA GLU C 138 22.28 15.94 -22.09
C GLU C 138 22.84 14.59 -22.56
N LEU C 139 22.31 13.50 -22.04
CA LEU C 139 22.79 12.19 -22.41
C LEU C 139 22.49 11.77 -23.84
N LYS C 140 21.40 12.27 -24.41
CA LYS C 140 20.98 11.87 -25.76
C LYS C 140 22.07 12.27 -26.81
N ARG C 141 22.92 13.23 -26.45
CA ARG C 141 24.08 13.60 -27.26
C ARG C 141 25.35 12.69 -27.18
N THR C 142 25.60 11.96 -26.10
CA THR C 142 26.76 11.02 -26.05
C THR C 142 26.39 9.56 -25.80
N ALA C 143 25.20 9.32 -25.29
CA ALA C 143 24.88 7.99 -24.79
C ALA C 143 25.00 6.92 -25.85
N LYS C 144 24.67 7.26 -27.10
CA LYS C 144 24.73 6.30 -28.20
C LYS C 144 26.13 5.75 -28.36
N LEU C 145 27.11 6.59 -28.11
CA LEU C 145 28.49 6.23 -28.30
C LEU C 145 29.08 5.38 -27.17
N PHE C 146 28.47 5.42 -25.99
CA PHE C 146 29.09 4.80 -24.81
C PHE C 146 29.60 3.35 -24.96
N PRO C 147 28.79 2.44 -25.56
CA PRO C 147 29.25 1.07 -25.77
C PRO C 147 30.55 0.92 -26.53
N MET C 148 30.89 1.92 -27.34
CA MET C 148 32.12 1.91 -28.14
C MET C 148 33.30 2.67 -27.49
N MET C 149 33.05 3.33 -26.36
CA MET C 149 34.03 4.22 -25.75
C MET C 149 34.84 3.47 -24.72
N PRO C 150 36.10 3.84 -24.54
CA PRO C 150 36.75 3.43 -23.32
C PRO C 150 36.04 4.01 -22.08
N ILE C 151 36.22 3.29 -21.00
CA ILE C 151 35.54 3.55 -19.77
C ILE C 151 35.83 4.95 -19.27
N GLN C 152 37.07 5.41 -19.43
CA GLN C 152 37.46 6.74 -18.98
C GLN C 152 36.70 7.84 -19.69
N GLN C 153 36.35 7.61 -20.93
CA GLN C 153 35.59 8.62 -21.68
C GLN C 153 34.18 8.68 -21.17
N ILE C 154 33.63 7.55 -20.78
CA ILE C 154 32.27 7.56 -20.29
C ILE C 154 32.25 8.29 -18.96
N GLU C 155 33.27 8.01 -18.13
CA GLU C 155 33.41 8.74 -16.85
C GLU C 155 33.41 10.22 -17.11
N ASP C 156 34.20 10.64 -18.09
CA ASP C 156 34.28 12.05 -18.48
C ASP C 156 32.93 12.64 -18.95
N ALA C 157 32.19 11.89 -19.76
CA ALA C 157 30.90 12.36 -20.26
C ALA C 157 29.93 12.50 -19.10
N ILE C 158 30.04 11.62 -18.12
CA ILE C 158 29.15 11.74 -16.98
C ILE C 158 29.56 12.87 -16.01
N LYS C 159 30.87 13.08 -15.86
CA LYS C 159 31.35 14.25 -15.10
C LYS C 159 30.86 15.55 -15.69
N GLU C 160 30.94 15.67 -17.01
CA GLU C 160 30.44 16.85 -17.67
C GLU C 160 28.96 17.19 -17.34
N ILE C 161 28.12 16.18 -17.28
CA ILE C 161 26.72 16.39 -17.03
C ILE C 161 26.50 16.88 -15.61
N PHE C 162 27.25 16.29 -14.66
CA PHE C 162 27.25 16.76 -13.28
C PHE C 162 27.76 18.22 -13.18
N GLU C 163 28.75 18.58 -14.00
CA GLU C 163 29.23 19.97 -14.04
C GLU C 163 28.16 20.90 -14.55
N LYS C 164 27.43 20.46 -15.58
CA LYS C 164 26.38 21.32 -16.15
C LYS C 164 25.18 21.49 -15.23
N LEU C 165 24.88 20.49 -14.40
CA LEU C 165 23.62 20.53 -13.62
C LEU C 165 23.76 20.91 -12.16
N LYS C 166 25.00 20.97 -11.68
CA LYS C 166 25.20 21.23 -10.27
C LYS C 166 24.78 22.62 -9.76
N TRP C 167 24.43 23.56 -10.62
CA TRP C 167 23.82 24.81 -10.13
C TRP C 167 22.53 24.52 -9.38
N HIS C 168 21.86 23.42 -9.72
CA HIS C 168 20.57 23.15 -9.09
C HIS C 168 20.75 22.95 -7.57
N PRO C 169 19.84 23.49 -6.77
CA PRO C 169 19.96 23.37 -5.34
C PRO C 169 19.86 21.96 -4.75
N THR C 170 19.43 20.94 -5.47
CA THR C 170 19.42 19.60 -4.88
C THR C 170 20.79 18.95 -5.03
N VAL C 171 21.71 19.60 -5.74
CA VAL C 171 22.99 18.99 -6.13
C VAL C 171 24.17 19.70 -5.46
N SER C 172 25.11 18.92 -4.95
CA SER C 172 26.29 19.48 -4.27
C SER C 172 27.28 19.92 -5.32
N LYS C 173 28.31 20.58 -4.89
CA LYS C 173 29.33 20.96 -5.87
C LYS C 173 30.17 19.75 -6.24
N GLU C 174 30.37 18.87 -5.26
CA GLU C 174 31.28 17.71 -5.38
C GLU C 174 30.44 16.51 -5.73
N TYR C 175 31.01 15.58 -6.46
CA TYR C 175 30.28 14.40 -6.82
C TYR C 175 31.31 13.31 -7.01
N ASP C 176 30.87 12.07 -7.06
CA ASP C 176 31.74 10.89 -7.12
C ASP C 176 31.37 10.06 -8.38
N ILE C 177 32.40 9.56 -9.05
CA ILE C 177 32.30 8.75 -10.20
C ILE C 177 33.17 7.50 -10.07
N TYR C 178 32.56 6.35 -10.25
CA TYR C 178 33.23 5.07 -10.17
C TYR C 178 32.89 4.25 -11.40
N SER C 179 33.81 3.38 -11.74
CA SER C 179 33.55 2.42 -12.79
C SER C 179 34.18 1.06 -12.51
N VAL C 180 33.64 0.06 -13.17
CA VAL C 180 34.17 -1.28 -13.07
C VAL C 180 34.21 -1.82 -14.47
N ASN C 181 35.10 -2.77 -14.70
CA ASN C 181 35.17 -3.38 -16.02
C ASN C 181 35.18 -4.90 -15.94
N LYS C 182 34.71 -5.47 -14.82
CA LYS C 182 34.59 -6.94 -14.71
C LYS C 182 33.17 -7.35 -14.44
N TYR C 183 32.87 -8.58 -14.81
CA TYR C 183 31.51 -9.09 -14.77
C TYR C 183 31.34 -9.80 -13.44
N GLU C 184 30.27 -9.49 -12.72
CA GLU C 184 30.02 -10.15 -11.45
C GLU C 184 29.11 -11.33 -11.69
N LYS C 185 29.62 -12.53 -11.43
CA LYS C 185 28.90 -13.75 -11.72
C LYS C 185 27.73 -13.98 -10.76
N ASN C 186 27.82 -13.43 -9.56
CA ASN C 186 26.78 -13.62 -8.56
C ASN C 186 26.09 -12.31 -8.23
N PHE C 187 25.70 -11.61 -9.27
CA PHE C 187 25.26 -10.24 -9.19
C PHE C 187 24.06 -10.17 -8.26
N GLU C 188 23.13 -11.09 -8.44
CA GLU C 188 21.90 -11.11 -7.66
C GLU C 188 22.17 -11.36 -6.18
N GLU C 189 23.13 -12.23 -5.89
CA GLU C 189 23.51 -12.52 -4.53
C GLU C 189 24.12 -11.28 -3.89
N VAL C 190 25.02 -10.61 -4.61
CA VAL C 190 25.67 -9.41 -4.12
C VAL C 190 24.61 -8.37 -3.78
N ILE C 191 23.61 -8.23 -4.64
CA ILE C 191 22.54 -7.32 -4.38
C ILE C 191 21.72 -7.74 -3.17
N LYS C 192 21.44 -9.03 -3.08
CA LYS C 192 20.71 -9.58 -1.97
C LYS C 192 21.46 -9.30 -0.65
N LYS C 193 22.77 -9.56 -0.63
CA LYS C 193 23.55 -9.32 0.60
C LYS C 193 23.53 -7.83 0.95
N ASP C 194 23.68 -6.96 -0.02
CA ASP C 194 23.66 -5.53 0.23
C ASP C 194 22.35 -5.07 0.84
N ILE C 195 21.25 -5.67 0.39
CA ILE C 195 19.94 -5.31 0.89
C ILE C 195 19.66 -5.83 2.29
N GLU C 196 20.05 -7.07 2.54
CA GLU C 196 20.01 -7.62 3.89
C GLU C 196 20.77 -6.71 4.89
N SER C 197 21.94 -6.19 4.50
CA SER C 197 22.69 -5.29 5.36
C SER C 197 21.87 -4.09 5.74
N LEU C 198 21.10 -3.57 4.78
CA LEU C 198 20.21 -2.47 5.06
C LEU C 198 19.20 -2.90 6.11
N PHE C 199 18.66 -4.09 5.96
CA PHE C 199 17.67 -4.55 6.93
C PHE C 199 18.29 -4.78 8.33
N LYS C 200 19.53 -5.26 8.39
CA LYS C 200 20.21 -5.43 9.69
C LYS C 200 20.46 -4.06 10.30
N TYR C 201 20.87 -3.12 9.47
CA TYR C 201 21.11 -1.78 9.94
C TYR C 201 19.82 -1.15 10.50
N ARG C 202 18.71 -1.30 9.78
CA ARG C 202 17.43 -0.77 10.26
C ARG C 202 16.99 -1.42 11.56
N GLU C 203 17.28 -2.70 11.70
CA GLU C 203 16.86 -3.41 12.90
C GLU C 203 17.67 -2.91 14.12
N GLN C 204 18.95 -2.64 13.91
CA GLN C 204 19.80 -1.98 14.90
C GLN C 204 19.31 -0.57 15.27
N LEU C 205 18.91 0.24 14.30
CA LEU C 205 18.38 1.56 14.63
C LEU C 205 17.10 1.40 15.44
N ARG C 206 16.27 0.44 15.06
CA ARG C 206 15.04 0.17 15.81
C ARG C 206 15.39 -0.13 17.27
N LYS C 207 16.35 -1.02 17.48
CA LYS C 207 16.76 -1.36 18.86
C LYS C 207 17.25 -0.16 19.66
N GLN C 208 18.10 0.65 19.03
CA GLN C 208 18.55 1.88 19.67
C GLN C 208 17.41 2.82 19.98
N LEU C 209 16.42 2.90 19.10
CA LEU C 209 15.31 3.81 19.33
C LEU C 209 14.42 3.31 20.46
N ILE C 210 14.26 1.99 20.58
CA ILE C 210 13.50 1.41 21.68
C ILE C 210 14.13 1.73 23.04
N ASP C 211 15.44 1.55 23.10
CA ASP C 211 16.21 1.90 24.29
C ASP C 211 16.14 3.38 24.63
N PHE C 212 16.22 4.23 23.61
CA PHE C 212 16.10 5.66 23.83
C PHE C 212 14.74 5.97 24.43
N GLY C 213 13.69 5.30 23.94
CA GLY C 213 12.34 5.48 24.47
C GLY C 213 12.14 5.02 25.92
N LYS C 214 12.77 3.92 26.29
CA LYS C 214 12.79 3.46 27.69
C LYS C 214 13.47 4.47 28.59
N VAL C 215 14.59 5.00 28.13
CA VAL C 215 15.33 6.01 28.87
C VAL C 215 14.51 7.29 29.02
N MET C 216 13.93 7.78 27.94
CA MET C 216 13.07 8.95 28.01
C MET C 216 11.89 8.71 28.94
N SER C 217 11.34 7.50 28.89
CA SER C 217 10.22 7.11 29.73
C SER C 217 10.59 7.08 31.23
N ILE C 218 11.82 6.65 31.53
CA ILE C 218 12.36 6.74 32.89
C ILE C 218 12.54 8.20 33.29
N VAL C 219 13.10 9.01 32.40
CA VAL C 219 13.29 10.44 32.71
C VAL C 219 11.98 11.22 33.00
N ASN C 220 10.91 10.92 32.26
CA ASN C 220 9.65 11.57 32.52
C ASN C 220 8.95 11.03 33.73
N LYS C 221 9.39 9.89 34.23
CA LYS C 221 8.81 9.32 35.43
C LYS C 221 9.54 9.73 36.72
N ILE C 222 10.63 10.50 36.61
CA ILE C 222 11.34 10.98 37.82
C ILE C 222 10.36 11.75 38.71
N VAL C 223 10.45 11.49 40.00
CA VAL C 223 9.53 12.12 40.94
C VAL C 223 9.99 13.54 41.21
N LYS C 224 9.09 14.49 40.93
CA LYS C 224 9.25 15.90 41.32
C LYS C 224 8.51 16.22 42.61
N ASN C 225 7.41 15.49 42.87
CA ASN C 225 6.56 15.70 44.03
C ASN C 225 5.93 14.41 44.51
N GLY C 226 6.12 14.11 45.78
CA GLY C 226 5.49 12.95 46.37
C GLY C 226 5.98 12.69 47.78
N GLU C 227 5.11 12.05 48.53
CA GLU C 227 5.46 11.44 49.80
C GLU C 227 5.88 10.01 49.40
N ILE C 228 7.18 9.74 49.43
CA ILE C 228 7.74 8.55 48.77
C ILE C 228 8.05 7.35 49.65
N GLY C 229 8.22 7.58 50.95
CA GLY C 229 8.51 6.48 51.85
C GLY C 229 8.87 6.90 53.26
N VAL C 230 9.39 5.94 54.02
CA VAL C 230 9.59 6.08 55.47
C VAL C 230 10.98 5.60 55.82
N ILE C 231 11.66 6.28 56.74
CA ILE C 231 12.98 5.86 57.19
C ILE C 231 12.89 4.64 58.10
N LYS C 232 13.67 3.58 57.80
CA LYS C 232 13.81 2.46 58.71
C LYS C 232 15.16 1.78 58.58
N ASP C 233 15.84 1.64 59.71
CA ASP C 233 17.23 1.19 59.74
C ASP C 233 18.20 2.11 58.98
N GLY C 234 17.98 3.44 59.01
CA GLY C 234 18.80 4.40 58.19
C GLY C 234 18.56 4.33 56.69
N LYS C 235 17.46 3.69 56.31
CA LYS C 235 17.18 3.48 54.91
C LYS C 235 15.81 3.95 54.57
N LEU C 236 15.65 4.39 53.32
CA LEU C 236 14.36 4.78 52.79
C LEU C 236 13.68 3.56 52.24
N HIS C 237 12.60 3.12 52.89
CA HIS C 237 11.78 2.05 52.36
C HIS C 237 10.72 2.74 51.58
N LEU C 238 10.79 2.61 50.26
CA LEU C 238 9.86 3.29 49.39
C LEU C 238 8.48 2.67 49.46
N TYR C 239 7.47 3.53 49.37
CA TYR C 239 6.09 3.08 49.21
C TYR C 239 5.92 2.39 47.88
N ASP C 240 4.80 1.68 47.77
CA ASP C 240 4.50 0.83 46.64
C ASP C 240 4.50 1.56 45.25
N ASP C 241 4.01 2.81 45.20
CA ASP C 241 4.01 3.62 43.96
C ASP C 241 5.38 4.00 43.44
N TYR C 242 6.43 3.78 44.22
CA TYR C 242 7.74 4.28 43.88
C TYR C 242 8.80 3.20 43.84
N ILE C 243 9.81 3.44 43.02
CA ILE C 243 10.96 2.58 42.98
C ILE C 243 12.18 3.44 42.76
N ALA C 244 13.33 2.91 43.12
CA ALA C 244 14.57 3.61 42.88
C ALA C 244 15.38 2.84 41.83
N ILE C 245 16.23 3.57 41.13
CA ILE C 245 17.11 2.98 40.17
C ILE C 245 18.50 3.50 40.46
N ASP C 246 19.50 2.70 40.08
CA ASP C 246 20.87 3.03 40.33
C ASP C 246 21.38 4.09 39.34
N LYS C 247 20.77 4.18 38.15
CA LYS C 247 21.18 5.13 37.09
C LYS C 247 20.23 5.17 35.94
N ILE C 248 20.30 6.24 35.16
CA ILE C 248 19.47 6.38 33.98
C ILE C 248 20.07 5.47 32.91
N ASP C 249 19.30 4.48 32.49
CA ASP C 249 19.75 3.41 31.63
C ASP C 249 18.49 2.77 31.06
N PRO C 250 18.57 2.14 29.86
CA PRO C 250 17.41 1.41 29.33
C PRO C 250 16.89 0.28 30.23
N ASN C 251 17.78 -0.48 30.89
CA ASN C 251 17.36 -1.49 31.89
C ASN C 251 18.22 -1.44 33.17
N PRO C 252 17.87 -0.51 34.09
CA PRO C 252 18.65 -0.29 35.34
C PRO C 252 18.38 -1.29 36.47
N LYS C 253 19.31 -1.45 37.42
CA LYS C 253 19.00 -2.19 38.67
C LYS C 253 17.93 -1.37 39.43
N VAL C 254 16.88 -2.06 39.87
CA VAL C 254 15.76 -1.44 40.59
C VAL C 254 15.86 -1.74 42.10
N PHE C 255 15.46 -0.78 42.92
CA PHE C 255 15.54 -0.92 44.37
C PHE C 255 14.28 -0.40 45.03
N LYS C 256 13.80 -1.12 46.04
CA LYS C 256 12.72 -0.67 46.92
C LYS C 256 13.24 -0.03 48.21
N VAL C 257 14.48 -0.33 48.57
CA VAL C 257 15.08 0.12 49.81
C VAL C 257 16.39 0.78 49.48
N VAL C 258 16.48 2.05 49.86
CA VAL C 258 17.45 2.98 49.35
C VAL C 258 18.27 3.52 50.52
N ASP C 259 19.58 3.46 50.39
CA ASP C 259 20.45 4.13 51.34
C ASP C 259 20.30 5.64 51.17
N VAL C 260 20.18 6.33 52.29
CA VAL C 260 20.07 7.78 52.35
C VAL C 260 20.88 8.37 53.50
N GLU C 261 21.15 9.66 53.41
CA GLU C 261 21.93 10.34 54.42
C GLU C 261 21.27 11.66 54.77
N GLY C 262 21.48 12.07 56.02
CA GLY C 262 20.87 13.28 56.56
C GLY C 262 20.41 13.11 57.99
N ASN C 263 19.85 14.18 58.53
CA ASN C 263 19.43 14.19 59.91
C ASN C 263 17.97 13.83 60.00
N PHE C 264 17.73 12.54 60.23
CA PHE C 264 16.39 12.00 60.37
C PHE C 264 16.42 10.86 61.38
N LYS C 265 15.27 10.25 61.65
CA LYS C 265 15.17 9.04 62.46
C LYS C 265 14.12 8.07 61.97
N ASP C 266 14.13 6.86 62.54
CA ASP C 266 13.17 5.83 62.18
C ASP C 266 11.75 6.34 62.30
N GLY C 267 10.96 6.03 61.29
CA GLY C 267 9.58 6.51 61.21
C GLY C 267 9.40 7.82 60.49
N ASP C 268 10.46 8.62 60.34
CA ASP C 268 10.37 9.84 59.55
C ASP C 268 9.90 9.53 58.10
N ILE C 269 9.07 10.43 57.56
CA ILE C 269 8.49 10.27 56.24
C ILE C 269 9.31 11.11 55.29
N VAL C 270 9.75 10.50 54.20
CA VAL C 270 10.54 11.21 53.20
C VAL C 270 9.62 11.70 52.09
N VAL C 271 9.84 12.94 51.69
CA VAL C 271 9.09 13.57 50.62
C VAL C 271 10.05 14.18 49.60
N ILE C 272 9.52 14.41 48.40
CA ILE C 272 10.20 15.24 47.43
C ILE C 272 9.26 16.36 47.07
N GLU C 273 9.76 17.59 47.08
CA GLU C 273 9.01 18.72 46.51
C GLU C 273 9.89 19.54 45.58
N ASN C 274 9.38 19.82 44.38
CA ASN C 274 10.16 20.45 43.29
C ASN C 274 11.50 19.79 43.00
N GLY C 275 11.54 18.46 43.10
CA GLY C 275 12.79 17.72 42.97
C GLY C 275 13.75 17.77 44.16
N ASP C 276 13.32 18.38 45.28
CA ASP C 276 14.14 18.41 46.50
C ASP C 276 13.63 17.36 47.44
N MET C 277 14.53 16.47 47.83
CA MET C 277 14.20 15.41 48.75
C MET C 277 14.47 15.85 50.20
N LYS C 278 13.47 15.73 51.05
CA LYS C 278 13.62 16.13 52.45
C LYS C 278 12.76 15.26 53.37
N ILE C 279 12.86 15.49 54.67
CA ILE C 279 11.99 14.89 55.66
C ILE C 279 10.71 15.70 55.81
N LYS C 280 9.58 15.01 55.79
CA LYS C 280 8.28 15.62 56.02
C LYS C 280 8.24 16.23 57.42
N GLY C 281 7.77 17.47 57.51
CA GLY C 281 7.69 18.15 58.81
C GLY C 281 8.98 18.86 59.17
N THR C 282 10.04 18.10 59.45
CA THR C 282 11.37 18.66 59.77
C THR C 282 11.92 19.49 58.62
N ASN C 283 11.65 19.07 57.38
CA ASN C 283 12.14 19.77 56.21
C ASN C 283 13.66 19.62 56.04
N GLU C 284 14.21 18.62 56.72
CA GLU C 284 15.64 18.37 56.72
C GLU C 284 16.03 17.68 55.42
N LYS C 285 17.24 17.95 54.94
CA LYS C 285 17.69 17.52 53.62
C LYS C 285 18.04 16.02 53.58
N VAL C 286 17.56 15.32 52.56
CA VAL C 286 17.89 13.88 52.39
C VAL C 286 18.61 13.67 51.07
N THR C 287 19.82 13.14 51.14
CA THR C 287 20.62 12.89 49.97
C THR C 287 20.70 11.39 49.75
N THR C 288 20.82 11.01 48.49
CA THR C 288 20.93 9.62 48.10
C THR C 288 21.64 9.57 46.75
N LYS C 289 22.25 8.43 46.45
CA LYS C 289 22.89 8.21 45.17
C LYS C 289 21.88 7.73 44.12
N TYR C 290 20.72 7.28 44.57
CA TYR C 290 19.77 6.67 43.68
C TYR C 290 18.85 7.70 43.07
N ILE C 291 18.14 7.30 42.03
CA ILE C 291 17.16 8.17 41.38
C ILE C 291 15.81 7.53 41.65
N ILE C 292 14.88 8.37 42.10
CA ILE C 292 13.53 7.92 42.47
C ILE C 292 12.57 8.25 41.35
N ILE C 293 11.77 7.26 40.98
CA ILE C 293 10.79 7.38 39.92
C ILE C 293 9.46 6.76 40.33
N HIS C 294 8.39 7.24 39.70
CA HIS C 294 7.05 6.65 39.80
C HIS C 294 7.04 5.25 39.18
N LYS C 295 6.37 4.30 39.83
CA LYS C 295 6.42 2.86 39.45
C LYS C 295 5.75 2.45 38.11
N GLY D 1 -4.85 -20.58 7.96
CA GLY D 1 -6.06 -20.24 7.13
C GLY D 1 -7.42 -20.29 7.83
N SER D 2 -7.75 -19.28 8.63
CA SER D 2 -9.07 -19.23 9.31
C SER D 2 -9.75 -17.86 9.30
N MET D 3 -10.73 -17.71 8.41
CA MET D 3 -11.72 -16.63 8.50
C MET D 3 -13.03 -17.27 8.88
N SER D 4 -13.35 -16.99 10.13
CA SER D 4 -14.01 -17.97 10.88
C SER D 4 -15.23 -17.42 11.53
N LEU D 5 -15.34 -17.75 12.82
CA LEU D 5 -16.21 -17.03 13.68
C LEU D 5 -15.58 -16.93 15.05
N ILE D 6 -15.39 -15.69 15.47
CA ILE D 6 -15.07 -15.35 16.84
C ILE D 6 -16.05 -14.27 17.37
N ILE D 7 -16.61 -14.53 18.54
CA ILE D 7 -17.54 -13.60 19.16
C ILE D 7 -16.98 -13.25 20.50
N CYS D 8 -16.88 -11.94 20.74
CA CYS D 8 -16.30 -11.40 21.94
C CYS D 8 -17.22 -10.34 22.56
N TYR D 9 -17.59 -10.56 23.83
CA TYR D 9 -18.31 -9.57 24.62
C TYR D 9 -17.36 -8.97 25.64
N TYR D 10 -17.50 -7.65 25.85
CA TYR D 10 -16.82 -6.93 26.90
C TYR D 10 -17.80 -5.98 27.50
N GLY D 11 -17.73 -5.85 28.81
CA GLY D 11 -18.62 -5.00 29.55
C GLY D 11 -18.18 -4.87 30.99
N LYS D 12 -19.05 -4.33 31.80
CA LYS D 12 -18.75 -3.93 33.15
C LYS D 12 -18.70 -5.16 34.06
N ASN D 13 -19.37 -6.22 33.64
CA ASN D 13 -19.35 -7.50 34.32
C ASN D 13 -18.25 -8.45 33.82
N GLY D 14 -17.42 -8.04 32.85
CA GLY D 14 -16.33 -8.86 32.42
C GLY D 14 -16.30 -9.00 30.92
N ALA D 15 -15.73 -10.12 30.47
CA ALA D 15 -15.60 -10.38 29.07
C ALA D 15 -15.70 -11.85 28.77
N VAL D 16 -16.21 -12.14 27.60
CA VAL D 16 -16.46 -13.49 27.15
C VAL D 16 -16.07 -13.57 25.71
N ILE D 17 -15.37 -14.63 25.38
CA ILE D 17 -15.02 -14.89 24.01
C ILE D 17 -15.28 -16.35 23.63
N GLY D 18 -15.77 -16.53 22.41
CA GLY D 18 -15.96 -17.85 21.84
C GLY D 18 -15.37 -17.89 20.45
N GLY D 19 -14.83 -19.05 20.09
CA GLY D 19 -14.32 -19.30 18.74
C GLY D 19 -14.23 -20.78 18.46
N ASP D 20 -14.34 -21.13 17.18
CA ASP D 20 -14.32 -22.54 16.77
C ASP D 20 -12.87 -22.88 16.47
N ARG D 21 -12.66 -23.98 15.76
CA ARG D 21 -11.33 -24.48 15.58
C ARG D 21 -10.98 -24.88 14.18
N ARG D 22 -11.81 -24.53 13.22
CA ARG D 22 -11.61 -25.01 11.84
C ARG D 22 -10.67 -24.20 10.97
N GLN D 23 -9.75 -24.91 10.34
CA GLN D 23 -8.83 -24.39 9.37
C GLN D 23 -9.05 -25.13 8.07
N ILE D 24 -8.99 -24.40 6.97
CA ILE D 24 -9.07 -24.99 5.65
C ILE D 24 -7.83 -24.59 4.87
N PHE D 25 -7.12 -25.60 4.39
CA PHE D 25 -5.99 -25.45 3.49
C PHE D 25 -6.42 -25.80 2.07
N PHE D 26 -6.07 -24.92 1.14
CA PHE D 26 -6.34 -25.12 -0.28
C PHE D 26 -5.02 -25.29 -0.98
N ARG D 27 -4.97 -26.23 -1.90
CA ARG D 27 -3.82 -26.35 -2.77
C ARG D 27 -4.31 -26.39 -4.22
N GLY D 28 -3.75 -25.50 -5.02
CA GLY D 28 -4.08 -25.40 -6.43
C GLY D 28 -3.89 -23.96 -6.85
N SER D 29 -4.41 -23.60 -8.02
CA SER D 29 -4.14 -22.28 -8.59
C SER D 29 -4.68 -21.18 -7.72
N GLU D 30 -3.91 -20.10 -7.63
CA GLU D 30 -4.29 -18.98 -6.83
C GLU D 30 -5.65 -18.48 -7.27
N GLU D 31 -5.91 -18.44 -8.57
CA GLU D 31 -7.19 -17.85 -9.03
C GLU D 31 -8.41 -18.74 -8.72
N ASN D 32 -8.29 -20.03 -8.91
CA ASN D 32 -9.35 -20.90 -8.49
C ASN D 32 -9.56 -20.91 -6.97
N ARG D 33 -8.46 -20.92 -6.20
CA ARG D 33 -8.51 -20.74 -4.72
C ARG D 33 -9.45 -19.60 -4.34
N LYS D 34 -9.23 -18.46 -5.00
CA LYS D 34 -10.00 -17.24 -4.81
C LYS D 34 -11.48 -17.43 -5.08
N ILE D 35 -11.81 -18.11 -6.17
CA ILE D 35 -13.21 -18.35 -6.53
C ILE D 35 -13.89 -19.19 -5.46
N LEU D 36 -13.13 -20.16 -4.96
CA LEU D 36 -13.62 -21.02 -3.94
C LEU D 36 -13.91 -20.24 -2.64
N GLU D 37 -12.95 -19.42 -2.22
CA GLU D 37 -13.10 -18.65 -1.00
C GLU D 37 -14.27 -17.67 -1.04
N GLU D 38 -14.44 -16.94 -2.15
CA GLU D 38 -15.55 -16.00 -2.28
C GLU D 38 -16.87 -16.66 -2.07
N LYS D 39 -17.09 -17.79 -2.72
CA LYS D 39 -18.32 -18.52 -2.55
C LYS D 39 -18.48 -19.10 -1.14
N LEU D 40 -17.38 -19.49 -0.54
CA LEU D 40 -17.41 -20.04 0.80
C LEU D 40 -17.81 -18.98 1.80
N TYR D 41 -17.24 -17.80 1.66
CA TYR D 41 -17.43 -16.72 2.63
C TYR D 41 -18.63 -15.84 2.35
N SER D 42 -19.26 -16.02 1.20
CA SER D 42 -20.43 -15.23 0.83
C SER D 42 -21.70 -15.88 1.33
N GLY D 43 -21.61 -17.17 1.67
CA GLY D 43 -22.78 -17.97 2.05
C GLY D 43 -23.32 -18.80 0.91
N GLU D 44 -22.75 -18.66 -0.29
CA GLU D 44 -23.22 -19.47 -1.41
C GLU D 44 -22.99 -20.98 -1.16
N ILE D 45 -21.88 -21.33 -0.53
CA ILE D 45 -21.59 -22.73 -0.21
C ILE D 45 -22.16 -23.10 1.16
N LYS D 46 -23.15 -23.97 1.13
CA LYS D 46 -23.97 -24.30 2.29
C LYS D 46 -23.48 -25.52 3.05
N SER D 47 -22.64 -26.33 2.43
CA SER D 47 -22.22 -27.57 3.05
C SER D 47 -20.89 -28.05 2.54
N GLU D 48 -20.32 -28.99 3.29
CA GLU D 48 -19.07 -29.62 2.93
C GLU D 48 -19.14 -30.31 1.61
N GLU D 49 -20.23 -31.02 1.36
CA GLU D 49 -20.35 -31.68 0.08
C GLU D 49 -20.29 -30.67 -1.09
N GLU D 50 -20.95 -29.50 -0.99
CA GLU D 50 -20.84 -28.47 -2.04
C GLU D 50 -19.40 -27.98 -2.19
N LEU D 51 -18.71 -27.86 -1.07
CA LEU D 51 -17.35 -27.40 -1.07
C LEU D 51 -16.41 -28.38 -1.74
N TYR D 52 -16.44 -29.65 -1.34
CA TYR D 52 -15.58 -30.65 -1.96
C TYR D 52 -15.87 -30.80 -3.46
N LYS D 53 -17.14 -30.80 -3.84
CA LYS D 53 -17.54 -30.91 -5.25
C LYS D 53 -16.96 -29.76 -6.08
N LEU D 54 -17.21 -28.53 -5.66
CA LEU D 54 -16.78 -27.41 -6.44
C LEU D 54 -15.24 -27.39 -6.51
N ALA D 55 -14.57 -27.69 -5.40
CA ALA D 55 -13.11 -27.80 -5.37
C ALA D 55 -12.53 -28.75 -6.41
N GLU D 56 -13.08 -29.96 -6.50
CA GLU D 56 -12.58 -30.91 -7.51
C GLU D 56 -12.83 -30.40 -8.93
N LYS D 57 -13.96 -29.74 -9.15
CA LYS D 57 -14.21 -29.15 -10.45
C LYS D 57 -13.20 -28.07 -10.75
N LEU D 58 -12.69 -27.39 -9.72
CA LEU D 58 -11.68 -26.36 -9.91
C LEU D 58 -10.22 -26.81 -9.78
N ASN D 59 -9.98 -28.12 -9.62
CA ASN D 59 -8.65 -28.66 -9.30
C ASN D 59 -8.04 -28.01 -8.08
N ILE D 60 -8.78 -28.02 -6.99
CA ILE D 60 -8.26 -27.62 -5.71
C ILE D 60 -8.43 -28.77 -4.76
N LYS D 61 -7.36 -29.13 -4.05
CA LYS D 61 -7.50 -30.14 -2.99
C LYS D 61 -7.65 -29.35 -1.70
N ILE D 62 -8.54 -29.87 -0.87
CA ILE D 62 -8.89 -29.27 0.39
C ILE D 62 -8.41 -30.14 1.51
N ILE D 63 -7.88 -29.52 2.54
CA ILE D 63 -7.60 -30.17 3.78
C ILE D 63 -8.26 -29.33 4.84
N ILE D 64 -9.14 -29.96 5.61
CA ILE D 64 -9.79 -29.32 6.73
C ILE D 64 -9.16 -29.86 8.00
N GLU D 65 -8.78 -28.98 8.91
CA GLU D 65 -8.23 -29.40 10.20
C GLU D 65 -8.90 -28.62 11.32
N ASP D 66 -9.37 -29.36 12.32
CA ASP D 66 -10.18 -28.84 13.41
C ASP D 66 -9.45 -28.86 14.74
N ASP D 67 -8.13 -28.93 14.71
CA ASP D 67 -7.33 -28.87 15.95
C ASP D 67 -6.82 -27.45 16.33
N ARG D 68 -7.01 -26.46 15.47
CA ARG D 68 -6.60 -25.07 15.73
C ARG D 68 -7.35 -24.34 16.85
N GLU D 69 -6.70 -24.03 17.98
CA GLU D 69 -7.28 -23.09 18.96
C GLU D 69 -7.23 -21.66 18.39
N LYS D 70 -8.37 -20.98 18.37
CA LYS D 70 -8.47 -19.62 17.88
C LYS D 70 -8.73 -18.60 18.98
N VAL D 71 -9.16 -19.06 20.14
CA VAL D 71 -9.33 -18.18 21.30
C VAL D 71 -8.54 -18.76 22.46
N ARG D 72 -8.03 -17.90 23.35
CA ARG D 72 -7.33 -18.34 24.56
C ARG D 72 -7.68 -17.40 25.68
N LYS D 73 -7.34 -17.86 26.85
CA LYS D 73 -7.42 -17.08 28.06
C LYS D 73 -5.97 -16.85 28.47
N ILE D 74 -5.53 -15.62 28.42
CA ILE D 74 -4.16 -15.26 28.73
C ILE D 74 -3.97 -15.18 30.24
N SER D 75 -5.04 -14.85 30.98
CA SER D 75 -4.99 -14.70 32.45
C SER D 75 -6.41 -14.62 33.02
N ASP D 76 -6.47 -14.35 34.31
CA ASP D 76 -7.70 -14.02 35.03
C ASP D 76 -8.40 -12.76 34.53
N SER D 77 -7.70 -11.93 33.76
CA SER D 77 -8.24 -10.68 33.33
C SER D 77 -8.24 -10.43 31.80
N VAL D 78 -7.67 -11.32 31.00
CA VAL D 78 -7.59 -11.11 29.55
C VAL D 78 -7.87 -12.36 28.72
N VAL D 79 -8.82 -12.25 27.81
CA VAL D 79 -9.06 -13.28 26.80
C VAL D 79 -8.72 -12.69 25.43
N CYS D 80 -8.46 -13.57 24.46
CA CYS D 80 -8.17 -13.14 23.12
C CYS D 80 -8.44 -14.20 22.09
N GLY D 81 -8.48 -13.73 20.85
CA GLY D 81 -8.82 -14.55 19.73
C GLY D 81 -8.13 -13.99 18.51
N GLU D 82 -8.14 -14.79 17.45
CA GLU D 82 -7.48 -14.42 16.22
C GLU D 82 -8.16 -15.06 15.03
N VAL D 83 -8.33 -14.24 13.98
CA VAL D 83 -8.53 -14.79 12.67
C VAL D 83 -7.30 -14.49 11.86
N ARG D 84 -7.03 -15.34 10.86
CA ARG D 84 -5.87 -15.14 10.01
C ARG D 84 -5.95 -15.79 8.63
N SER D 85 -5.16 -15.23 7.72
CA SER D 85 -4.97 -15.77 6.40
C SER D 85 -3.47 -15.81 6.18
N LEU D 86 -2.93 -17.02 6.07
CA LEU D 86 -1.52 -17.20 5.72
C LEU D 86 -1.46 -17.55 4.23
N GLY D 87 -0.94 -16.63 3.42
CA GLY D 87 -0.68 -16.87 2.00
C GLY D 87 0.69 -16.33 1.66
N ILE D 88 0.79 -15.53 0.60
CA ILE D 88 2.02 -14.80 0.34
C ILE D 88 2.28 -13.85 1.51
N ASP D 89 1.20 -13.29 2.06
CA ASP D 89 1.26 -12.42 3.22
C ASP D 89 0.60 -13.09 4.40
N ALA D 90 1.12 -12.82 5.59
CA ALA D 90 0.53 -13.31 6.82
C ALA D 90 -0.45 -12.24 7.38
N LYS D 91 -1.75 -12.40 7.13
CA LYS D 91 -2.79 -11.44 7.59
C LYS D 91 -3.49 -11.90 8.85
N ARG D 92 -3.52 -11.06 9.87
CA ARG D 92 -4.17 -11.42 11.12
C ARG D 92 -5.00 -10.28 11.60
N ARG D 93 -6.11 -10.64 12.20
CA ARG D 93 -6.88 -9.74 13.03
C ARG D 93 -7.03 -10.40 14.39
N ARG D 94 -6.51 -9.78 15.46
CA ARG D 94 -6.67 -10.25 16.84
C ARG D 94 -7.63 -9.38 17.63
N VAL D 95 -8.37 -10.00 18.54
CA VAL D 95 -9.18 -9.28 19.50
C VAL D 95 -8.66 -9.67 20.90
N TYR D 96 -8.58 -8.69 21.79
CA TYR D 96 -8.27 -8.91 23.16
C TYR D 96 -9.37 -8.27 23.95
N ALA D 97 -9.65 -8.78 25.13
CA ALA D 97 -10.67 -8.16 25.95
C ALA D 97 -10.43 -8.43 27.42
N THR D 98 -10.90 -7.49 28.23
CA THR D 98 -10.88 -7.57 29.66
C THR D 98 -12.21 -6.99 30.13
N LYS D 99 -12.45 -6.96 31.43
CA LYS D 99 -13.60 -6.19 31.95
C LYS D 99 -13.61 -4.73 31.45
N GLY D 100 -14.68 -4.36 30.77
CA GLY D 100 -14.87 -2.98 30.34
C GLY D 100 -14.09 -2.48 29.13
N LYS D 101 -13.20 -3.31 28.55
CA LYS D 101 -12.33 -2.86 27.45
C LYS D 101 -12.04 -3.97 26.47
N CYS D 102 -11.79 -3.56 25.23
CA CYS D 102 -11.54 -4.47 24.16
C CYS D 102 -10.59 -3.79 23.21
N ALA D 103 -9.79 -4.57 22.51
CA ALA D 103 -8.92 -4.03 21.49
C ALA D 103 -8.96 -4.93 20.28
N ILE D 104 -8.85 -4.33 19.10
CA ILE D 104 -8.73 -5.08 17.87
C ILE D 104 -7.46 -4.63 17.22
N VAL D 105 -6.63 -5.59 16.82
CA VAL D 105 -5.37 -5.31 16.14
C VAL D 105 -5.22 -6.09 14.85
N ASP D 106 -4.91 -5.37 13.78
CA ASP D 106 -4.71 -5.90 12.46
C ASP D 106 -3.24 -5.90 12.17
N ILE D 107 -2.76 -7.02 11.63
CA ILE D 107 -1.34 -7.24 11.41
C ILE D 107 -1.17 -7.83 10.03
N LEU D 108 -0.28 -7.21 9.27
CA LEU D 108 0.15 -7.73 7.98
C LEU D 108 1.63 -8.07 8.15
N ASN D 109 1.95 -9.38 8.16
CA ASN D 109 3.31 -9.86 8.33
C ASN D 109 3.87 -9.33 9.63
N ASP D 110 4.82 -8.40 9.62
CA ASP D 110 5.44 -7.90 10.84
C ASP D 110 5.02 -6.49 11.24
N THR D 111 3.93 -6.01 10.67
CA THR D 111 3.46 -4.67 10.92
C THR D 111 2.02 -4.64 11.44
N VAL D 112 1.85 -3.98 12.57
CA VAL D 112 0.52 -3.53 13.02
C VAL D 112 0.01 -2.43 12.09
N THR D 113 -1.04 -2.73 11.33
CA THR D 113 -1.60 -1.78 10.38
C THR D 113 -2.85 -1.06 10.94
N ASN D 114 -3.54 -1.63 11.90
CA ASN D 114 -4.69 -0.97 12.48
C ASN D 114 -4.82 -1.40 13.88
N GLN D 115 -5.28 -0.47 14.71
CA GLN D 115 -5.66 -0.82 16.06
C GLN D 115 -6.89 -0.02 16.48
N THR D 116 -7.66 -0.65 17.34
CA THR D 116 -8.87 -0.11 17.86
C THR D 116 -8.90 -0.44 19.35
N ILE D 117 -9.13 0.56 20.20
CA ILE D 117 -9.35 0.32 21.62
C ILE D 117 -10.72 0.85 22.02
N LYS D 118 -11.49 0.02 22.68
CA LYS D 118 -12.89 0.29 23.03
C LYS D 118 -13.06 0.17 24.53
N GLU D 119 -13.75 1.14 25.13
CA GLU D 119 -14.13 1.05 26.51
C GLU D 119 -15.60 1.25 26.71
N GLY D 120 -16.17 0.45 27.60
CA GLY D 120 -17.57 0.54 27.94
C GLY D 120 -18.11 -0.85 27.81
N PHE D 121 -18.90 -1.10 26.78
CA PHE D 121 -19.51 -2.40 26.63
C PHE D 121 -19.86 -2.59 25.19
N GLY D 122 -19.72 -3.81 24.71
CA GLY D 122 -20.07 -4.14 23.39
C GLY D 122 -19.70 -5.55 22.99
N ILE D 123 -19.77 -5.76 21.69
CA ILE D 123 -19.52 -7.02 21.10
C ILE D 123 -18.76 -6.84 19.83
N VAL D 124 -17.78 -7.71 19.66
CA VAL D 124 -17.00 -7.80 18.46
C VAL D 124 -17.17 -9.19 17.90
N VAL D 125 -17.46 -9.19 16.61
CA VAL D 125 -17.57 -10.38 15.84
C VAL D 125 -16.54 -10.34 14.72
N LEU D 126 -15.67 -11.33 14.72
CA LEU D 126 -14.74 -11.58 13.65
C LEU D 126 -15.14 -12.80 12.87
N GLY D 127 -15.11 -12.70 11.56
CA GLY D 127 -15.28 -13.89 10.75
C GLY D 127 -15.66 -13.52 9.35
N ASN D 128 -15.99 -14.53 8.54
CA ASN D 128 -16.39 -14.24 7.19
C ASN D 128 -17.68 -13.44 7.18
N ARG D 129 -17.92 -12.76 6.07
CA ARG D 129 -19.11 -11.92 5.90
C ARG D 129 -20.40 -12.62 6.25
N PHE D 130 -20.53 -13.88 5.86
CA PHE D 130 -21.79 -14.58 6.07
C PHE D 130 -21.99 -14.87 7.53
N LEU D 131 -20.99 -15.45 8.16
CA LEU D 131 -21.14 -15.85 9.52
C LEU D 131 -21.19 -14.61 10.41
N LYS D 132 -20.42 -13.58 10.05
CA LYS D 132 -20.44 -12.36 10.79
C LYS D 132 -21.86 -11.85 10.84
N LYS D 133 -22.48 -11.77 9.67
CA LYS D 133 -23.78 -11.16 9.61
C LYS D 133 -24.81 -11.97 10.39
N LYS D 134 -24.76 -13.29 10.26
CA LYS D 134 -25.70 -14.14 10.99
C LYS D 134 -25.51 -14.07 12.51
N ALA D 135 -24.26 -14.08 12.97
CA ALA D 135 -23.98 -13.95 14.41
C ALA D 135 -24.51 -12.62 14.92
N GLU D 136 -24.27 -11.55 14.16
CA GLU D 136 -24.82 -10.23 14.55
C GLU D 136 -26.34 -10.25 14.60
N GLU D 137 -26.95 -10.93 13.65
CA GLU D 137 -28.40 -11.05 13.62
C GLU D 137 -28.90 -11.83 14.86
N GLU D 138 -28.29 -12.99 15.14
CA GLU D 138 -28.62 -13.76 16.34
C GLU D 138 -28.36 -12.96 17.63
N LEU D 139 -27.27 -12.19 17.64
CA LEU D 139 -26.92 -11.41 18.79
C LEU D 139 -27.89 -10.26 19.11
N LYS D 140 -28.56 -9.71 18.10
CA LYS D 140 -29.46 -8.57 18.35
C LYS D 140 -30.57 -8.95 19.34
N ARG D 141 -30.89 -10.24 19.41
CA ARG D 141 -31.88 -10.74 20.34
C ARG D 141 -31.44 -10.86 21.83
N THR D 142 -30.16 -11.03 22.13
CA THR D 142 -29.72 -11.08 23.54
C THR D 142 -28.73 -10.00 23.92
N ALA D 143 -28.06 -9.40 22.95
CA ALA D 143 -26.88 -8.59 23.24
C ALA D 143 -27.21 -7.41 24.14
N LYS D 144 -28.41 -6.87 24.00
CA LYS D 144 -28.84 -5.76 24.85
C LYS D 144 -28.77 -6.13 26.32
N LEU D 145 -29.08 -7.38 26.62
CA LEU D 145 -29.22 -7.82 27.99
C LEU D 145 -27.89 -8.13 28.64
N PHE D 146 -26.84 -8.37 27.84
CA PHE D 146 -25.60 -8.89 28.38
C PHE D 146 -25.03 -8.14 29.59
N PRO D 147 -25.02 -6.78 29.54
CA PRO D 147 -24.46 -6.04 30.67
C PRO D 147 -25.13 -6.32 32.01
N MET D 148 -26.37 -6.78 31.97
CA MET D 148 -27.15 -7.07 33.18
C MET D 148 -27.10 -8.55 33.56
N MET D 149 -26.48 -9.39 32.74
CA MET D 149 -26.50 -10.83 32.95
C MET D 149 -25.30 -11.28 33.77
N PRO D 150 -25.45 -12.35 34.54
CA PRO D 150 -24.24 -13.03 34.98
C PRO D 150 -23.44 -13.61 33.82
N ILE D 151 -22.15 -13.75 34.07
CA ILE D 151 -21.18 -14.12 33.04
C ILE D 151 -21.50 -15.45 32.42
N GLN D 152 -21.96 -16.37 33.23
CA GLN D 152 -22.34 -17.67 32.74
C GLN D 152 -23.50 -17.66 31.72
N GLN D 153 -24.41 -16.71 31.87
CA GLN D 153 -25.52 -16.59 30.93
C GLN D 153 -25.02 -16.06 29.60
N ILE D 154 -24.03 -15.19 29.65
CA ILE D 154 -23.49 -14.68 28.43
C ILE D 154 -22.74 -15.78 27.71
N GLU D 155 -21.99 -16.58 28.46
CA GLU D 155 -21.34 -17.77 27.91
C GLU D 155 -22.34 -18.62 27.19
N ASP D 156 -23.44 -18.89 27.85
CA ASP D 156 -24.52 -19.70 27.28
C ASP D 156 -25.13 -19.11 26.00
N ALA D 157 -25.34 -17.80 25.98
CA ALA D 157 -25.92 -17.15 24.81
C ALA D 157 -24.94 -17.28 23.65
N ILE D 158 -23.65 -17.20 23.95
CA ILE D 158 -22.67 -17.31 22.89
C ILE D 158 -22.51 -18.76 22.40
N LYS D 159 -22.59 -19.72 23.32
CA LYS D 159 -22.61 -21.14 22.94
C LYS D 159 -23.78 -21.46 21.99
N GLU D 160 -24.97 -20.94 22.31
CA GLU D 160 -26.15 -21.14 21.46
C GLU D 160 -25.91 -20.66 20.00
N ILE D 161 -25.24 -19.54 19.82
CA ILE D 161 -25.00 -19.00 18.50
C ILE D 161 -24.04 -19.89 17.71
N PHE D 162 -23.00 -20.35 18.39
CA PHE D 162 -22.12 -21.36 17.82
C PHE D 162 -22.85 -22.65 17.45
N GLU D 163 -23.78 -23.08 18.28
CA GLU D 163 -24.55 -24.27 17.97
C GLU D 163 -25.39 -24.03 16.70
N LYS D 164 -25.99 -22.85 16.60
CA LYS D 164 -26.88 -22.54 15.48
C LYS D 164 -26.12 -22.39 14.18
N LEU D 165 -24.86 -21.97 14.23
CA LEU D 165 -24.14 -21.68 13.00
C LEU D 165 -23.13 -22.74 12.56
N LYS D 166 -22.83 -23.70 13.42
CA LYS D 166 -21.78 -24.67 13.10
C LYS D 166 -22.07 -25.63 11.95
N TRP D 167 -23.31 -25.69 11.46
CA TRP D 167 -23.54 -26.43 10.20
C TRP D 167 -22.66 -25.85 9.08
N HIS D 168 -22.27 -24.56 9.18
CA HIS D 168 -21.56 -23.92 8.10
C HIS D 168 -20.20 -24.57 7.94
N PRO D 169 -19.76 -24.74 6.70
CA PRO D 169 -18.54 -25.52 6.47
C PRO D 169 -17.26 -24.85 6.85
N THR D 170 -17.27 -23.58 7.24
CA THR D 170 -16.05 -22.93 7.74
C THR D 170 -15.91 -23.13 9.25
N VAL D 171 -16.89 -23.77 9.87
CA VAL D 171 -16.92 -23.93 11.33
C VAL D 171 -16.75 -25.38 11.74
N SER D 172 -15.96 -25.62 12.78
CA SER D 172 -15.77 -26.97 13.30
C SER D 172 -16.97 -27.35 14.15
N LYS D 173 -17.04 -28.59 14.56
CA LYS D 173 -18.13 -28.96 15.47
C LYS D 173 -17.87 -28.43 16.89
N GLU D 174 -16.60 -28.43 17.25
CA GLU D 174 -16.14 -28.11 18.59
C GLU D 174 -15.72 -26.67 18.61
N TYR D 175 -15.90 -26.02 19.74
CA TYR D 175 -15.57 -24.61 19.86
C TYR D 175 -15.25 -24.37 21.31
N ASP D 176 -14.58 -23.26 21.59
CA ASP D 176 -14.08 -22.95 22.92
C ASP D 176 -14.65 -21.63 23.40
N ILE D 177 -14.99 -21.57 24.69
CA ILE D 177 -15.56 -20.37 25.32
C ILE D 177 -14.79 -20.08 26.60
N TYR D 178 -14.34 -18.83 26.77
CA TYR D 178 -13.63 -18.39 27.94
C TYR D 178 -14.16 -17.05 28.39
N SER D 179 -14.10 -16.82 29.68
CA SER D 179 -14.53 -15.57 30.24
C SER D 179 -13.67 -15.16 31.42
N VAL D 180 -13.67 -13.87 31.68
CA VAL D 180 -12.93 -13.30 32.78
C VAL D 180 -13.82 -12.28 33.41
N ASN D 181 -13.63 -12.03 34.70
CA ASN D 181 -14.41 -11.06 35.41
C ASN D 181 -13.54 -10.09 36.18
N LYS D 182 -12.27 -9.92 35.77
CA LYS D 182 -11.38 -8.95 36.44
C LYS D 182 -10.83 -8.01 35.44
N TYR D 183 -10.46 -6.84 35.93
CA TYR D 183 -10.03 -5.75 35.06
C TYR D 183 -8.51 -5.81 34.97
N GLU D 184 -7.97 -5.76 33.77
CA GLU D 184 -6.52 -5.79 33.58
C GLU D 184 -6.05 -4.37 33.54
N LYS D 185 -5.25 -3.99 34.51
CA LYS D 185 -4.74 -2.63 34.63
C LYS D 185 -3.71 -2.27 33.58
N ASN D 186 -2.98 -3.27 33.10
CA ASN D 186 -1.97 -3.05 32.08
C ASN D 186 -2.36 -3.71 30.77
N PHE D 187 -3.56 -3.39 30.31
CA PHE D 187 -4.17 -4.09 29.21
C PHE D 187 -3.33 -3.93 27.96
N GLU D 188 -2.90 -2.70 27.73
CA GLU D 188 -2.13 -2.37 26.55
C GLU D 188 -0.78 -3.07 26.54
N GLU D 189 -0.16 -3.17 27.71
CA GLU D 189 1.13 -3.82 27.84
C GLU D 189 0.97 -5.30 27.54
N VAL D 190 -0.07 -5.92 28.11
CA VAL D 190 -0.36 -7.33 27.84
C VAL D 190 -0.52 -7.59 26.35
N ILE D 191 -1.23 -6.71 25.66
CA ILE D 191 -1.39 -6.85 24.22
C ILE D 191 -0.05 -6.66 23.50
N LYS D 192 0.67 -5.64 23.91
CA LYS D 192 1.95 -5.32 23.31
C LYS D 192 2.89 -6.52 23.45
N LYS D 193 2.96 -7.10 24.65
CA LYS D 193 3.81 -8.28 24.84
C LYS D 193 3.36 -9.45 23.97
N ASP D 194 2.06 -9.71 23.90
CA ASP D 194 1.56 -10.80 23.09
C ASP D 194 1.95 -10.63 21.62
N ILE D 195 1.91 -9.39 21.13
CA ILE D 195 2.21 -9.13 19.74
C ILE D 195 3.71 -9.23 19.44
N GLU D 196 4.51 -8.70 20.34
CA GLU D 196 5.95 -8.86 20.27
C GLU D 196 6.35 -10.32 20.15
N SER D 197 5.70 -11.19 20.93
CA SER D 197 5.98 -12.63 20.87
C SER D 197 5.75 -13.16 19.48
N LEU D 198 4.69 -12.67 18.82
CA LEU D 198 4.41 -13.08 17.45
C LEU D 198 5.57 -12.63 16.58
N PHE D 199 6.04 -11.40 16.79
CA PHE D 199 7.10 -10.89 15.96
C PHE D 199 8.42 -11.54 16.23
N LYS D 200 8.70 -11.89 17.49
CA LYS D 200 9.97 -12.52 17.76
C LYS D 200 9.93 -13.87 17.12
N TYR D 201 8.81 -14.58 17.23
CA TYR D 201 8.69 -15.89 16.68
C TYR D 201 8.90 -15.83 15.17
N ARG D 202 8.23 -14.90 14.48
CA ARG D 202 8.38 -14.79 13.03
C ARG D 202 9.81 -14.39 12.61
N GLU D 203 10.48 -13.57 13.42
CA GLU D 203 11.83 -13.14 13.13
C GLU D 203 12.81 -14.31 13.28
N GLN D 204 12.60 -15.12 14.31
CA GLN D 204 13.36 -16.33 14.53
C GLN D 204 13.19 -17.32 13.39
N LEU D 205 11.97 -17.53 12.88
CA LEU D 205 11.78 -18.43 11.76
C LEU D 205 12.49 -17.88 10.57
N ARG D 206 12.37 -16.57 10.38
CA ARG D 206 13.00 -15.92 9.26
C ARG D 206 14.50 -16.23 9.31
N LYS D 207 15.13 -16.00 10.44
CA LYS D 207 16.56 -16.23 10.56
C LYS D 207 16.95 -17.69 10.28
N GLN D 208 16.20 -18.64 10.86
CA GLN D 208 16.41 -20.06 10.59
C GLN D 208 16.28 -20.36 9.13
N LEU D 209 15.29 -19.76 8.48
CA LEU D 209 15.06 -20.08 7.09
C LEU D 209 16.14 -19.49 6.21
N ILE D 210 16.61 -18.28 6.53
CA ILE D 210 17.67 -17.63 5.78
C ILE D 210 18.94 -18.48 5.85
N ASP D 211 19.25 -18.92 7.07
CA ASP D 211 20.41 -19.78 7.32
C ASP D 211 20.30 -21.12 6.63
N PHE D 212 19.10 -21.70 6.63
CA PHE D 212 18.89 -22.93 5.91
C PHE D 212 19.18 -22.72 4.43
N GLY D 213 18.73 -21.59 3.88
CA GLY D 213 18.93 -21.27 2.47
C GLY D 213 20.37 -21.07 2.09
N LYS D 214 21.14 -20.43 2.96
CA LYS D 214 22.59 -20.29 2.77
C LYS D 214 23.28 -21.65 2.76
N VAL D 215 22.87 -22.51 3.67
CA VAL D 215 23.40 -23.86 3.75
C VAL D 215 23.05 -24.67 2.51
N MET D 216 21.78 -24.69 2.10
CA MET D 216 21.36 -25.41 0.89
C MET D 216 22.10 -24.85 -0.30
N SER D 217 22.29 -23.53 -0.32
CA SER D 217 23.00 -22.86 -1.40
C SER D 217 24.49 -23.25 -1.47
N ILE D 218 25.09 -23.44 -0.31
CA ILE D 218 26.46 -23.97 -0.24
C ILE D 218 26.49 -25.40 -0.75
N VAL D 219 25.54 -26.23 -0.32
CA VAL D 219 25.52 -27.63 -0.73
C VAL D 219 25.34 -27.81 -2.23
N ASN D 220 24.51 -26.99 -2.86
CA ASN D 220 24.36 -27.08 -4.30
C ASN D 220 25.56 -26.52 -5.08
N LYS D 221 26.40 -25.76 -4.40
CA LYS D 221 27.56 -25.17 -5.05
C LYS D 221 28.82 -26.05 -4.91
N ILE D 222 28.72 -27.18 -4.22
CA ILE D 222 29.85 -28.09 -4.10
C ILE D 222 30.34 -28.49 -5.49
N VAL D 223 31.64 -28.51 -5.68
CA VAL D 223 32.19 -28.83 -6.98
C VAL D 223 32.22 -30.33 -7.19
N LYS D 224 31.56 -30.77 -8.25
CA LYS D 224 31.59 -32.14 -8.73
C LYS D 224 32.59 -32.31 -9.88
N ASN D 225 32.79 -31.23 -10.65
CA ASN D 225 33.69 -31.23 -11.80
C ASN D 225 34.35 -29.88 -12.00
N GLY D 226 35.67 -29.88 -12.06
CA GLY D 226 36.39 -28.66 -12.36
C GLY D 226 37.89 -28.82 -12.22
N GLU D 227 38.61 -28.01 -12.97
CA GLU D 227 40.03 -27.79 -12.75
C GLU D 227 40.08 -26.64 -11.77
N ILE D 228 40.42 -26.96 -10.51
CA ILE D 228 40.18 -26.03 -9.40
C ILE D 228 41.38 -25.23 -8.93
N GLY D 229 42.59 -25.69 -9.24
CA GLY D 229 43.79 -24.97 -8.80
C GLY D 229 45.10 -25.68 -9.04
N VAL D 230 46.15 -25.15 -8.42
CA VAL D 230 47.53 -25.59 -8.65
C VAL D 230 48.23 -25.82 -7.33
N ILE D 231 49.05 -26.86 -7.23
CA ILE D 231 49.82 -27.12 -6.01
C ILE D 231 50.98 -26.14 -5.84
N LYS D 232 51.11 -25.53 -4.66
CA LYS D 232 52.31 -24.76 -4.31
C LYS D 232 52.57 -24.78 -2.82
N ASP D 233 53.79 -25.12 -2.44
CA ASP D 233 54.18 -25.30 -1.03
C ASP D 233 53.38 -26.40 -0.31
N GLY D 234 53.03 -27.49 -1.02
CA GLY D 234 52.16 -28.54 -0.46
C GLY D 234 50.71 -28.11 -0.23
N LYS D 235 50.31 -27.02 -0.88
CA LYS D 235 48.97 -26.48 -0.71
C LYS D 235 48.30 -26.24 -2.04
N LEU D 236 46.98 -26.38 -2.04
CA LEU D 236 46.16 -26.11 -3.21
C LEU D 236 45.81 -24.63 -3.22
N HIS D 237 46.35 -23.88 -4.18
CA HIS D 237 45.97 -22.48 -4.37
C HIS D 237 44.85 -22.51 -5.35
N LEU D 238 43.66 -22.23 -4.89
CA LEU D 238 42.49 -22.34 -5.73
C LEU D 238 42.44 -21.21 -6.73
N TYR D 239 41.97 -21.52 -7.93
CA TYR D 239 41.67 -20.53 -8.93
C TYR D 239 40.53 -19.65 -8.49
N ASP D 240 40.37 -18.53 -9.21
CA ASP D 240 39.46 -17.46 -8.87
C ASP D 240 37.98 -17.89 -8.73
N ASP D 241 37.51 -18.78 -9.60
CA ASP D 241 36.13 -19.32 -9.54
C ASP D 241 35.81 -20.18 -8.32
N TYR D 242 36.81 -20.54 -7.52
CA TYR D 242 36.60 -21.49 -6.44
C TYR D 242 37.05 -20.98 -5.09
N ILE D 243 36.41 -21.50 -4.06
CA ILE D 243 36.79 -21.21 -2.70
C ILE D 243 36.57 -22.45 -1.87
N ALA D 244 37.25 -22.51 -0.74
CA ALA D 244 37.09 -23.64 0.16
C ALA D 244 36.48 -23.18 1.44
N ILE D 245 35.79 -24.08 2.09
CA ILE D 245 35.20 -23.79 3.38
C ILE D 245 35.59 -24.88 4.34
N ASP D 246 35.60 -24.54 5.61
CA ASP D 246 36.00 -25.47 6.65
C ASP D 246 34.90 -26.48 7.00
N LYS D 247 33.63 -26.13 6.77
CA LYS D 247 32.47 -27.03 7.04
C LYS D 247 31.22 -26.42 6.46
N ILE D 248 30.20 -27.27 6.34
CA ILE D 248 28.89 -26.84 5.89
C ILE D 248 28.23 -26.13 7.07
N ASP D 249 27.94 -24.85 6.87
CA ASP D 249 27.50 -23.94 7.92
C ASP D 249 26.93 -22.72 7.22
N PRO D 250 26.02 -21.96 7.87
CA PRO D 250 25.49 -20.74 7.24
C PRO D 250 26.53 -19.67 6.96
N ASN D 251 27.51 -19.50 7.85
CA ASN D 251 28.61 -18.56 7.61
C ASN D 251 29.97 -19.20 7.98
N PRO D 252 30.53 -20.00 7.06
CA PRO D 252 31.77 -20.76 7.33
C PRO D 252 33.05 -19.95 7.14
N LYS D 253 34.16 -20.35 7.75
CA LYS D 253 35.47 -19.75 7.40
C LYS D 253 35.79 -20.12 5.96
N VAL D 254 36.19 -19.14 5.17
CA VAL D 254 36.49 -19.31 3.75
C VAL D 254 37.99 -19.34 3.55
N PHE D 255 38.45 -20.13 2.58
CA PHE D 255 39.87 -20.26 2.30
C PHE D 255 40.11 -20.27 0.79
N LYS D 256 41.14 -19.55 0.36
CA LYS D 256 41.65 -19.63 -1.02
C LYS D 256 42.82 -20.61 -1.16
N VAL D 257 43.46 -20.93 -0.04
CA VAL D 257 44.64 -21.78 -0.01
C VAL D 257 44.41 -22.90 0.99
N VAL D 258 44.43 -24.12 0.48
CA VAL D 258 43.88 -25.31 1.13
C VAL D 258 44.97 -26.35 1.32
N ASP D 259 45.08 -26.83 2.55
CA ASP D 259 46.00 -27.93 2.87
C ASP D 259 45.49 -29.20 2.23
N VAL D 260 46.38 -29.91 1.54
CA VAL D 260 46.06 -31.15 0.85
C VAL D 260 47.16 -32.17 1.04
N GLU D 261 46.82 -33.43 0.81
CA GLU D 261 47.78 -34.52 0.97
C GLU D 261 47.66 -35.48 -0.20
N GLY D 262 48.80 -36.11 -0.53
CA GLY D 262 48.90 -37.01 -1.68
C GLY D 262 50.22 -36.86 -2.42
N ASN D 263 50.37 -37.67 -3.47
CA ASN D 263 51.61 -37.72 -4.25
C ASN D 263 51.53 -36.77 -5.43
N PHE D 264 51.99 -35.55 -5.19
CA PHE D 264 51.98 -34.51 -6.20
C PHE D 264 53.21 -33.65 -5.98
N LYS D 265 53.40 -32.66 -6.85
CA LYS D 265 54.47 -31.68 -6.68
C LYS D 265 54.03 -30.28 -7.10
N ASP D 266 54.87 -29.30 -6.76
CA ASP D 266 54.60 -27.91 -7.13
C ASP D 266 54.35 -27.77 -8.62
N GLY D 267 53.30 -27.02 -8.95
CA GLY D 267 52.86 -26.83 -10.32
C GLY D 267 51.81 -27.83 -10.81
N ASP D 268 51.67 -28.96 -10.14
CA ASP D 268 50.60 -29.91 -10.47
C ASP D 268 49.23 -29.23 -10.38
N ILE D 269 48.35 -29.59 -11.31
CA ILE D 269 47.02 -29.01 -11.39
C ILE D 269 46.07 -29.96 -10.71
N VAL D 270 45.26 -29.45 -9.80
CA VAL D 270 44.28 -30.26 -9.11
C VAL D 270 42.92 -30.14 -9.82
N VAL D 271 42.26 -31.28 -9.98
CA VAL D 271 40.95 -31.37 -10.60
C VAL D 271 40.01 -32.17 -9.71
N ILE D 272 38.72 -31.98 -9.93
CA ILE D 272 37.73 -32.86 -9.36
C ILE D 272 36.93 -33.41 -10.51
N GLU D 273 36.73 -34.73 -10.54
CA GLU D 273 35.77 -35.33 -11.47
C GLU D 273 34.85 -36.31 -10.74
N ASN D 274 33.54 -36.17 -10.96
CA ASN D 274 32.51 -36.90 -10.20
C ASN D 274 32.68 -36.84 -8.68
N GLY D 275 33.12 -35.70 -8.18
CA GLY D 275 33.39 -35.53 -6.76
C GLY D 275 34.68 -36.16 -6.28
N ASP D 276 35.51 -36.69 -7.18
CA ASP D 276 36.80 -37.24 -6.82
C ASP D 276 37.85 -36.22 -7.13
N MET D 277 38.62 -35.88 -6.12
CA MET D 277 39.69 -34.92 -6.25
C MET D 277 41.01 -35.64 -6.57
N LYS D 278 41.66 -35.23 -7.65
CA LYS D 278 42.91 -35.86 -8.07
C LYS D 278 43.83 -34.86 -8.77
N ILE D 279 45.04 -35.30 -9.10
CA ILE D 279 45.97 -34.53 -9.91
C ILE D 279 45.69 -34.73 -11.40
N LYS D 280 45.61 -33.62 -12.14
CA LYS D 280 45.43 -33.66 -13.59
C LYS D 280 46.60 -34.37 -14.24
N GLY D 281 46.29 -35.30 -15.15
CA GLY D 281 47.33 -36.07 -15.82
C GLY D 281 47.73 -37.30 -15.03
N THR D 282 48.39 -37.10 -13.88
CA THR D 282 48.81 -38.21 -13.02
C THR D 282 47.62 -39.02 -12.52
N ASN D 283 46.52 -38.35 -12.26
CA ASN D 283 45.31 -39.02 -11.77
C ASN D 283 45.51 -39.52 -10.33
N GLU D 284 46.50 -38.96 -9.65
CA GLU D 284 46.82 -39.34 -8.29
C GLU D 284 45.83 -38.69 -7.31
N LYS D 285 45.54 -39.39 -6.23
CA LYS D 285 44.46 -38.99 -5.32
C LYS D 285 44.86 -37.80 -4.44
N VAL D 286 43.96 -36.81 -4.31
CA VAL D 286 44.21 -35.66 -3.43
C VAL D 286 43.15 -35.61 -2.35
N THR D 287 43.59 -35.66 -1.10
CA THR D 287 42.68 -35.61 0.02
C THR D 287 42.83 -34.27 0.73
N THR D 288 41.74 -33.81 1.32
CA THR D 288 41.71 -32.57 2.08
C THR D 288 40.57 -32.63 3.09
N LYS D 289 40.70 -31.86 4.16
CA LYS D 289 39.63 -31.75 5.13
C LYS D 289 38.59 -30.72 4.70
N TYR D 290 38.92 -29.87 3.74
CA TYR D 290 38.07 -28.75 3.36
C TYR D 290 37.05 -29.17 2.31
N ILE D 291 36.03 -28.35 2.13
CA ILE D 291 35.02 -28.59 1.13
C ILE D 291 35.21 -27.50 0.09
N ILE D 292 35.24 -27.91 -1.16
CA ILE D 292 35.43 -27.01 -2.28
C ILE D 292 34.11 -26.72 -2.94
N ILE D 293 33.88 -25.43 -3.17
CA ILE D 293 32.65 -24.97 -3.80
C ILE D 293 32.96 -23.91 -4.86
N HIS D 294 32.03 -23.80 -5.82
CA HIS D 294 32.03 -22.72 -6.82
C HIS D 294 31.82 -21.40 -6.10
N LYS D 295 32.57 -20.38 -6.51
CA LYS D 295 32.54 -19.08 -5.87
C LYS D 295 31.18 -18.48 -6.22
#